data_5L8E
#
_entry.id   5L8E
#
_cell.length_a   73.303
_cell.length_b   131.601
_cell.length_c   148.672
_cell.angle_alpha   90.00
_cell.angle_beta   90.00
_cell.angle_gamma   90.00
#
_symmetry.space_group_name_H-M   'P 2 21 21'
#
loop_
_entity.id
_entity.type
_entity.pdbx_description
1 polymer 'WD repeat-containing protein 48'
2 polymer Unknown
3 non-polymer GLYCEROL
4 water water
#
loop_
_entity_poly.entity_id
_entity_poly.type
_entity_poly.pdbx_seq_one_letter_code
_entity_poly.pdbx_strand_id
1 'polypeptide(L)'
;WSHPQFEKTAGRRKVQVSYVIRDEVEKYNRNGVNALQLDPALNRLFTAGRDSIIRIWSVNQHKQDPYIASMEHHTDWVND
IVLCCNGKTLISASSDTTVKVWNAHKGFCMSTLRTHKDYVKALAYAKDKELVASAGLDRQIFLWDVNTLTALTASNNTVT
TSSLSGNKDSIYSLAMNQLGTIIVSGSTEKVLRVWDPRTCAKLMKLKGHTDNVKALLLNRDGTQCLSGSSDGTIRLWSLG
QQRCIATYRVHDEGVWALQVNDAFTHVYSGGRDRKIYCTDLRNPDIRVLICEEKAPVLKMELDRSADPPPAIWVATTKST
VNKWTLKGIHNFRASGDYDNDCTNPITPLCTQPDQVIKGGASIIQCHIFNDKRHILTKDTNNNVAYWDVLKACKVEDLGK
VDFEDEIKKRFKMVYVPNWFSVDLKTGMLTITLDESDCFAAWVSAKDAGFSSPDGSDPKLNLGGLLLQALLEYWPRTHVN
PMDEEENEVNHVNGEQENRVQKGNGYFQVPPHTPVIFGEAGGRTLFRLLCRDSGGETESMLLNETVPQWVIDITVDKNMP
KFNKIPFYLQPHASSGAKTL
;
A,B
2 'polypeptide(L)' (UNK)(UNK)(UNK)(UNK)(UNK) C
#
# COMPACT_ATOMS: atom_id res chain seq x y z
N ARG A 12 11.04 10.68 -31.02
CA ARG A 12 10.15 10.81 -29.83
C ARG A 12 9.95 9.48 -29.09
N ARG A 13 9.35 9.57 -27.90
CA ARG A 13 9.02 8.40 -27.07
C ARG A 13 7.67 7.78 -27.52
N LYS A 14 7.38 6.59 -27.00
CA LYS A 14 6.05 5.98 -27.15
C LYS A 14 5.00 6.86 -26.46
N VAL A 15 3.83 6.97 -27.07
CA VAL A 15 2.70 7.67 -26.47
C VAL A 15 1.69 6.63 -25.94
N GLN A 16 1.28 6.83 -24.70
CA GLN A 16 0.38 5.92 -24.00
C GLN A 16 -0.94 6.61 -23.73
N VAL A 17 -2.00 5.82 -23.62
CA VAL A 17 -3.32 6.34 -23.32
C VAL A 17 -3.70 5.90 -21.91
N SER A 18 -4.13 6.86 -21.09
CA SER A 18 -4.55 6.57 -19.74
C SER A 18 -5.94 7.11 -19.49
N TYR A 19 -6.62 6.51 -18.52
CA TYR A 19 -7.88 7.04 -18.02
C TYR A 19 -8.07 6.74 -16.53
N VAL A 20 -8.91 7.57 -15.91
CA VAL A 20 -9.14 7.52 -14.48
C VAL A 20 -10.57 7.08 -14.22
N ILE A 21 -10.72 6.10 -13.34
CA ILE A 21 -12.03 5.62 -12.93
C ILE A 21 -12.41 6.40 -11.68
N ARG A 22 -13.45 7.22 -11.78
CA ARG A 22 -13.82 8.16 -10.72
C ARG A 22 -15.24 8.66 -10.90
N ASP A 23 -15.71 9.43 -9.92
CA ASP A 23 -16.98 10.16 -10.02
C ASP A 23 -16.75 11.50 -10.70
N GLU A 24 -17.84 12.07 -11.19
CA GLU A 24 -17.80 13.33 -11.93
C GLU A 24 -17.27 14.47 -11.07
N VAL A 25 -17.71 14.52 -9.82
CA VAL A 25 -17.19 15.44 -8.84
C VAL A 25 -16.43 14.63 -7.82
N GLU A 26 -15.17 15.02 -7.61
CA GLU A 26 -14.35 14.53 -6.52
C GLU A 26 -14.13 15.72 -5.61
N LYS A 27 -15.13 15.93 -4.76
CA LYS A 27 -15.22 17.10 -3.89
C LYS A 27 -14.08 17.16 -2.86
N TYR A 28 -13.68 15.99 -2.37
CA TYR A 28 -12.65 15.89 -1.34
C TYR A 28 -11.38 15.32 -1.92
N ASN A 29 -10.24 15.72 -1.34
CA ASN A 29 -8.95 15.15 -1.74
C ASN A 29 -9.03 13.63 -1.61
N ARG A 30 -8.49 12.95 -2.61
CA ARG A 30 -8.49 11.48 -2.66
C ARG A 30 -7.14 10.91 -2.29
N ASN A 31 -6.21 11.79 -1.92
CA ASN A 31 -4.90 11.40 -1.47
C ASN A 31 -4.34 12.56 -0.64
N GLY A 32 -3.05 12.50 -0.29
CA GLY A 32 -2.38 13.57 0.44
C GLY A 32 -2.35 14.92 -0.26
N VAL A 33 -1.99 15.94 0.50
CA VAL A 33 -1.94 17.32 0.03
C VAL A 33 -0.51 17.86 0.14
N ASN A 34 0.06 18.26 -1.00
CA ASN A 34 1.46 18.68 -1.08
C ASN A 34 1.71 20.15 -0.80
N ALA A 35 0.68 20.99 -0.90
CA ALA A 35 0.88 22.44 -0.79
C ALA A 35 -0.40 23.14 -0.46
N LEU A 36 -0.26 24.32 0.16
CA LEU A 36 -1.38 25.15 0.58
C LEU A 36 -1.11 26.61 0.27
N GLN A 37 -2.16 27.37 0.01
CA GLN A 37 -2.09 28.83 -0.10
C GLN A 37 -3.35 29.46 0.46
N LEU A 38 -3.21 30.57 1.20
CA LEU A 38 -4.36 31.33 1.74
C LEU A 38 -4.58 32.62 0.97
N ASP A 39 -5.85 32.92 0.69
CA ASP A 39 -6.27 34.23 0.18
C ASP A 39 -6.94 34.98 1.33
N PRO A 40 -6.18 35.82 2.07
CA PRO A 40 -6.76 36.49 3.25
C PRO A 40 -7.93 37.40 2.90
N ALA A 41 -7.87 38.05 1.74
CA ALA A 41 -8.94 38.93 1.26
C ALA A 41 -10.27 38.19 1.17
N LEU A 42 -10.29 37.06 0.47
CA LEU A 42 -11.51 36.30 0.21
C LEU A 42 -11.81 35.20 1.22
N ASN A 43 -10.92 34.99 2.20
CA ASN A 43 -11.02 33.93 3.20
C ASN A 43 -11.06 32.54 2.55
N ARG A 44 -10.11 32.33 1.65
CA ARG A 44 -10.02 31.09 0.89
C ARG A 44 -8.72 30.35 1.15
N LEU A 45 -8.81 29.03 1.12
CA LEU A 45 -7.65 28.14 1.14
C LEU A 45 -7.63 27.34 -0.15
N PHE A 46 -6.45 27.27 -0.76
CA PHE A 46 -6.18 26.43 -1.91
C PHE A 46 -5.38 25.22 -1.45
N THR A 47 -5.83 24.02 -1.84
CA THR A 47 -5.09 22.79 -1.60
C THR A 47 -4.58 22.21 -2.92
N ALA A 48 -3.32 21.77 -2.93
CA ALA A 48 -2.70 21.13 -4.08
C ALA A 48 -2.63 19.63 -3.81
N GLY A 49 -3.45 18.87 -4.53
CA GLY A 49 -3.63 17.46 -4.24
C GLY A 49 -2.66 16.53 -4.95
N ARG A 50 -2.22 15.51 -4.21
CA ARG A 50 -1.61 14.33 -4.82
C ARG A 50 -2.62 13.56 -5.70
N ASP A 51 -3.92 13.84 -5.54
CA ASP A 51 -4.92 13.35 -6.49
C ASP A 51 -4.97 14.12 -7.82
N SER A 52 -4.02 15.03 -8.04
CA SER A 52 -3.88 15.84 -9.25
C SER A 52 -4.83 17.03 -9.31
N ILE A 53 -5.63 17.26 -8.28
CA ILE A 53 -6.64 18.29 -8.29
C ILE A 53 -6.33 19.37 -7.26
N ILE A 54 -6.53 20.62 -7.70
CA ILE A 54 -6.43 21.78 -6.85
C ILE A 54 -7.86 22.12 -6.43
N ARG A 55 -8.06 22.43 -5.15
CA ARG A 55 -9.39 22.78 -4.65
C ARG A 55 -9.38 24.09 -3.87
N ILE A 56 -10.48 24.84 -4.01
CA ILE A 56 -10.70 26.10 -3.32
C ILE A 56 -11.68 25.85 -2.16
N TRP A 57 -11.35 26.39 -0.99
CA TRP A 57 -12.11 26.17 0.23
C TRP A 57 -12.38 27.50 0.92
N SER A 58 -13.56 27.67 1.49
CA SER A 58 -13.85 28.82 2.35
C SER A 58 -13.37 28.52 3.75
N VAL A 59 -12.60 29.44 4.35
CA VAL A 59 -12.15 29.29 5.74
C VAL A 59 -12.97 30.12 6.76
N ASN A 60 -14.12 30.66 6.33
CA ASN A 60 -15.14 31.18 7.26
C ASN A 60 -15.71 30.01 8.07
N GLN A 61 -15.41 29.97 9.36
CA GLN A 61 -15.87 28.89 10.23
C GLN A 61 -17.40 28.90 10.42
N HIS A 62 -18.03 30.05 10.12
CA HIS A 62 -19.50 30.13 10.01
C HIS A 62 -20.07 29.14 8.99
N LYS A 63 -19.44 29.05 7.81
CA LYS A 63 -19.96 28.23 6.71
C LYS A 63 -20.04 26.74 7.03
N GLN A 64 -21.15 26.12 6.65
CA GLN A 64 -21.43 24.71 6.94
C GLN A 64 -20.57 23.80 6.06
N ASP A 65 -20.62 24.05 4.75
CA ASP A 65 -19.83 23.31 3.76
C ASP A 65 -18.76 24.23 3.15
N PRO A 66 -17.47 23.96 3.45
CA PRO A 66 -16.42 24.87 2.97
C PRO A 66 -16.01 24.75 1.49
N TYR A 67 -16.52 23.74 0.77
CA TYR A 67 -16.16 23.52 -0.64
C TYR A 67 -16.66 24.64 -1.56
N ILE A 68 -15.73 25.19 -2.35
CA ILE A 68 -16.04 26.20 -3.34
C ILE A 68 -15.91 25.61 -4.74
N ALA A 69 -14.73 25.08 -5.08
CA ALA A 69 -14.49 24.58 -6.44
C ALA A 69 -13.37 23.59 -6.55
N SER A 70 -13.40 22.83 -7.65
CA SER A 70 -12.29 21.98 -8.05
C SER A 70 -11.64 22.58 -9.30
N MET A 71 -10.31 22.58 -9.31
CA MET A 71 -9.51 23.10 -10.42
C MET A 71 -8.75 21.92 -11.03
N GLU A 72 -9.33 21.35 -12.09
CA GLU A 72 -8.85 20.12 -12.72
C GLU A 72 -8.18 20.40 -14.06
N HIS A 73 -6.99 19.85 -14.26
CA HIS A 73 -6.24 19.97 -15.52
C HIS A 73 -4.97 19.13 -15.47
N HIS A 74 -4.25 19.17 -14.34
CA HIS A 74 -3.10 18.28 -14.13
C HIS A 74 -3.47 16.80 -14.14
N THR A 75 -2.52 15.96 -14.55
CA THR A 75 -2.71 14.51 -14.69
C THR A 75 -1.82 13.68 -13.74
N ASP A 76 -1.19 14.32 -12.77
CA ASP A 76 -0.37 13.64 -11.75
C ASP A 76 -0.29 14.60 -10.56
N TRP A 77 0.51 14.28 -9.54
CA TRP A 77 0.60 15.09 -8.33
C TRP A 77 0.79 16.55 -8.65
N VAL A 78 0.02 17.41 -7.98
CA VAL A 78 0.31 18.84 -7.97
C VAL A 78 1.23 19.03 -6.76
N ASN A 79 2.49 19.36 -7.01
CA ASN A 79 3.51 19.41 -5.96
C ASN A 79 3.63 20.75 -5.26
N ASP A 80 3.25 21.83 -5.94
CA ASP A 80 3.31 23.15 -5.33
C ASP A 80 2.37 24.11 -6.01
N ILE A 81 1.97 25.14 -5.27
CA ILE A 81 1.15 26.23 -5.80
C ILE A 81 1.58 27.58 -5.21
N VAL A 82 1.38 28.64 -5.98
CA VAL A 82 1.65 30.02 -5.58
C VAL A 82 0.45 30.87 -5.96
N LEU A 83 -0.21 31.46 -4.96
CA LEU A 83 -1.27 32.42 -5.18
C LEU A 83 -0.59 33.78 -5.34
N CYS A 84 -0.98 34.52 -6.37
CA CYS A 84 -0.35 35.80 -6.66
C CYS A 84 -1.32 36.78 -7.31
N CYS A 85 -0.81 37.99 -7.59
CA CYS A 85 -1.59 39.06 -8.21
C CYS A 85 -2.85 39.36 -7.40
N ASN A 86 -2.67 39.62 -6.10
CA ASN A 86 -3.79 39.87 -5.16
C ASN A 86 -4.84 38.75 -5.20
N GLY A 87 -4.38 37.51 -5.29
CA GLY A 87 -5.27 36.36 -5.35
C GLY A 87 -6.00 36.11 -6.66
N LYS A 88 -5.66 36.85 -7.72
CA LYS A 88 -6.29 36.68 -9.05
C LYS A 88 -5.75 35.45 -9.79
N THR A 89 -4.49 35.11 -9.52
CA THR A 89 -3.75 34.11 -10.28
C THR A 89 -3.17 33.02 -9.38
N LEU A 90 -3.29 31.77 -9.83
CA LEU A 90 -2.57 30.66 -9.21
C LEU A 90 -1.62 30.09 -10.25
N ILE A 91 -0.39 29.79 -9.82
CA ILE A 91 0.57 29.04 -10.62
C ILE A 91 0.74 27.69 -9.92
N SER A 92 0.79 26.61 -10.71
CA SER A 92 0.89 25.26 -10.17
C SER A 92 2.00 24.48 -10.83
N ALA A 93 2.62 23.57 -10.08
CA ALA A 93 3.70 22.72 -10.55
C ALA A 93 3.30 21.26 -10.28
N SER A 94 3.60 20.39 -11.24
CA SER A 94 3.08 19.03 -11.21
C SER A 94 4.08 17.98 -11.68
N SER A 95 3.88 16.77 -11.17
CA SER A 95 4.61 15.59 -11.64
C SER A 95 4.26 15.19 -13.07
N ASP A 96 3.21 15.79 -13.65
CA ASP A 96 2.95 15.67 -15.10
C ASP A 96 3.94 16.45 -16.00
N THR A 97 4.87 17.18 -15.37
CA THR A 97 5.98 17.93 -15.98
C THR A 97 5.63 19.36 -16.35
N THR A 98 4.38 19.77 -16.17
CA THR A 98 3.93 21.10 -16.59
C THR A 98 3.81 22.07 -15.42
N VAL A 99 3.85 23.35 -15.77
CA VAL A 99 3.52 24.44 -14.88
C VAL A 99 2.29 25.10 -15.50
N LYS A 100 1.22 25.23 -14.74
CA LYS A 100 -0.01 25.81 -15.27
C LYS A 100 -0.31 27.15 -14.62
N VAL A 101 -1.00 28.00 -15.37
CA VAL A 101 -1.40 29.34 -14.95
C VAL A 101 -2.92 29.31 -14.90
N TRP A 102 -3.47 29.75 -13.78
CA TRP A 102 -4.90 29.67 -13.53
C TRP A 102 -5.47 31.03 -13.14
N ASN A 103 -6.71 31.29 -13.55
CA ASN A 103 -7.53 32.33 -12.95
C ASN A 103 -8.01 31.76 -11.62
N ALA A 104 -7.40 32.22 -10.53
CA ALA A 104 -7.72 31.73 -9.19
C ALA A 104 -9.11 32.10 -8.67
N HIS A 105 -9.65 33.24 -9.11
CA HIS A 105 -11.00 33.65 -8.72
C HIS A 105 -12.09 32.82 -9.36
N LYS A 106 -11.95 32.55 -10.66
CA LYS A 106 -12.92 31.78 -11.44
C LYS A 106 -12.60 30.28 -11.45
N GLY A 107 -11.33 29.92 -11.26
CA GLY A 107 -10.92 28.52 -11.09
C GLY A 107 -10.73 27.71 -12.36
N PHE A 108 -10.14 28.32 -13.39
CA PHE A 108 -9.89 27.62 -14.66
C PHE A 108 -8.46 27.86 -15.16
N CYS A 109 -7.93 26.88 -15.89
CA CYS A 109 -6.57 26.94 -16.44
C CYS A 109 -6.52 27.85 -17.65
N MET A 110 -5.59 28.80 -17.64
CA MET A 110 -5.40 29.76 -18.75
C MET A 110 -4.28 29.35 -19.71
N SER A 111 -3.19 28.79 -19.19
CA SER A 111 -2.12 28.28 -20.04
C SER A 111 -1.26 27.20 -19.37
N THR A 112 -0.48 26.51 -20.19
CA THR A 112 0.35 25.39 -19.76
C THR A 112 1.76 25.60 -20.30
N LEU A 113 2.74 25.59 -19.40
CA LEU A 113 4.14 25.81 -19.74
C LEU A 113 4.85 24.46 -19.66
N ARG A 114 5.49 24.07 -20.77
CA ARG A 114 6.02 22.72 -20.96
C ARG A 114 7.54 22.70 -21.03
N THR A 115 8.19 23.69 -20.43
CA THR A 115 9.63 23.85 -20.55
C THR A 115 10.40 22.82 -19.72
N HIS A 116 9.84 22.40 -18.59
CA HIS A 116 10.48 21.34 -17.79
C HIS A 116 10.41 20.00 -18.51
N LYS A 117 11.47 19.21 -18.36
CA LYS A 117 11.58 17.88 -18.96
C LYS A 117 11.10 16.77 -18.03
N ASP A 118 10.89 17.08 -16.76
CA ASP A 118 10.60 16.06 -15.74
C ASP A 118 9.67 16.65 -14.68
N TYR A 119 9.39 15.89 -13.62
CA TYR A 119 8.51 16.33 -12.54
C TYR A 119 8.89 17.72 -12.04
N VAL A 120 7.94 18.64 -11.98
CA VAL A 120 8.18 19.97 -11.42
C VAL A 120 7.81 19.91 -9.96
N LYS A 121 8.80 20.18 -9.11
CA LYS A 121 8.73 19.88 -7.68
C LYS A 121 8.45 21.09 -6.79
N ALA A 122 8.80 22.29 -7.22
CA ALA A 122 8.73 23.45 -6.33
C ALA A 122 8.58 24.75 -7.07
N LEU A 123 7.87 25.68 -6.43
CA LEU A 123 7.72 27.03 -6.91
C LEU A 123 8.27 28.00 -5.87
N ALA A 124 8.62 29.20 -6.34
CA ALA A 124 9.06 30.28 -5.47
C ALA A 124 8.44 31.56 -5.99
N TYR A 125 8.26 32.52 -5.10
CA TYR A 125 7.47 33.72 -5.37
C TYR A 125 8.13 34.95 -4.79
N ALA A 126 8.33 35.97 -5.63
CA ALA A 126 8.73 37.31 -5.18
C ALA A 126 7.51 38.23 -5.31
N LYS A 127 6.81 38.46 -4.20
CA LYS A 127 5.56 39.22 -4.21
C LYS A 127 5.68 40.62 -4.82
N ASP A 128 6.73 41.36 -4.47
CA ASP A 128 6.90 42.74 -4.94
C ASP A 128 7.08 42.87 -6.45
N LYS A 129 7.65 41.84 -7.10
CA LYS A 129 7.85 41.85 -8.55
C LYS A 129 6.86 40.96 -9.32
N GLU A 130 5.89 40.37 -8.62
CA GLU A 130 5.03 39.30 -9.15
C GLU A 130 5.82 38.32 -10.05
N LEU A 131 6.94 37.82 -9.52
CA LEU A 131 7.81 36.89 -10.24
C LEU A 131 7.74 35.51 -9.59
N VAL A 132 7.56 34.48 -10.42
CA VAL A 132 7.46 33.09 -9.96
C VAL A 132 8.57 32.26 -10.61
N ALA A 133 9.15 31.36 -9.84
CA ALA A 133 10.17 30.44 -10.34
C ALA A 133 9.69 29.00 -10.15
N SER A 134 10.12 28.12 -11.06
CA SER A 134 9.75 26.70 -11.04
C SER A 134 11.00 25.82 -11.14
N ALA A 135 11.07 24.77 -10.31
CA ALA A 135 12.19 23.83 -10.35
C ALA A 135 11.72 22.38 -10.22
N GLY A 136 12.49 21.47 -10.80
CA GLY A 136 12.15 20.05 -10.78
C GLY A 136 13.29 19.06 -10.77
N LEU A 137 12.95 17.82 -11.08
CA LEU A 137 13.91 16.71 -11.14
C LEU A 137 14.85 16.83 -12.34
N ASP A 138 14.44 17.59 -13.37
CA ASP A 138 15.33 17.93 -14.49
C ASP A 138 16.50 18.90 -14.17
N ARG A 139 16.60 19.36 -12.91
CA ARG A 139 17.72 20.17 -12.42
C ARG A 139 17.71 21.60 -12.95
N GLN A 140 16.62 22.00 -13.59
CA GLN A 140 16.51 23.31 -14.21
C GLN A 140 15.63 24.19 -13.35
N ILE A 141 15.93 25.49 -13.32
CA ILE A 141 15.08 26.50 -12.69
C ILE A 141 14.71 27.50 -13.76
N PHE A 142 13.41 27.80 -13.90
CA PHE A 142 12.95 28.82 -14.84
C PHE A 142 12.25 29.94 -14.09
N LEU A 143 12.51 31.18 -14.52
CA LEU A 143 11.89 32.38 -13.96
C LEU A 143 10.76 32.84 -14.87
N TRP A 144 9.65 33.26 -14.27
CA TRP A 144 8.45 33.61 -14.99
C TRP A 144 7.88 34.92 -14.45
N ASP A 145 7.80 35.92 -15.32
CA ASP A 145 7.09 37.17 -15.03
C ASP A 145 5.60 36.89 -15.18
N VAL A 146 4.85 36.93 -14.08
CA VAL A 146 3.44 36.52 -14.12
C VAL A 146 2.58 37.52 -14.90
N ASN A 147 2.87 38.82 -14.73
CA ASN A 147 2.12 39.84 -15.46
C ASN A 147 2.29 39.70 -16.97
N THR A 148 3.45 39.22 -17.41
CA THR A 148 3.66 38.84 -18.81
C THR A 148 2.82 37.62 -19.18
N LEU A 149 2.90 36.57 -18.36
CA LEU A 149 2.11 35.33 -18.58
C LEU A 149 0.61 35.56 -18.66
N THR A 150 0.05 36.36 -17.76
CA THR A 150 -1.38 36.66 -17.77
C THR A 150 -1.80 37.54 -18.97
N ALA A 151 -0.84 38.26 -19.57
CA ALA A 151 -1.05 39.02 -20.81
C ALA A 151 -0.94 38.19 -22.12
N LEU A 152 -0.75 36.86 -22.00
CA LEU A 152 -0.78 35.96 -23.16
C LEU A 152 -2.14 35.97 -23.85
N THR A 153 -2.19 36.64 -25.01
CA THR A 153 -3.29 36.47 -25.96
C THR A 153 -2.83 35.43 -26.99
N ALA A 154 -3.74 35.00 -27.87
CA ALA A 154 -3.39 34.11 -28.97
C ALA A 154 -2.44 34.81 -29.95
N SER A 155 -2.64 36.11 -30.17
CA SER A 155 -1.75 36.93 -31.02
C SER A 155 -0.37 37.15 -30.38
N ASN A 156 -0.35 37.56 -29.11
CA ASN A 156 0.89 37.64 -28.33
C ASN A 156 1.24 36.24 -27.83
N ASN A 157 1.72 35.43 -28.78
CA ASN A 157 1.92 34.00 -28.59
C ASN A 157 3.16 33.73 -27.75
N THR A 158 4.20 34.51 -27.98
CA THR A 158 5.51 34.23 -27.44
C THR A 158 5.60 34.60 -25.95
N VAL A 159 6.33 33.80 -25.18
CA VAL A 159 6.68 34.13 -23.80
C VAL A 159 8.18 33.95 -23.62
N THR A 160 8.77 34.78 -22.77
CA THR A 160 10.21 34.80 -22.55
C THR A 160 10.56 34.28 -21.15
N THR A 161 11.49 33.33 -21.07
CA THR A 161 11.97 32.81 -19.79
C THR A 161 13.50 32.73 -19.78
N SER A 162 14.09 33.06 -18.64
CA SER A 162 15.50 32.79 -18.39
C SER A 162 15.61 31.61 -17.44
N SER A 163 16.75 30.95 -17.48
CA SER A 163 17.00 29.80 -16.64
C SER A 163 18.25 30.01 -15.79
N LEU A 164 18.29 29.31 -14.66
CA LEU A 164 19.44 29.32 -13.77
C LEU A 164 19.96 27.90 -13.76
N SER A 165 21.24 27.75 -14.06
CA SER A 165 21.90 26.45 -14.09
C SER A 165 22.93 26.39 -12.97
N GLY A 166 23.41 25.18 -12.69
CA GLY A 166 24.31 24.95 -11.57
C GLY A 166 23.96 23.69 -10.79
N ASN A 167 22.66 23.38 -10.66
CA ASN A 167 22.24 22.18 -9.92
C ASN A 167 22.73 20.91 -10.62
N LYS A 168 23.51 20.13 -9.88
CA LYS A 168 23.99 18.83 -10.36
C LYS A 168 22.96 17.73 -10.10
N ASP A 169 21.92 18.03 -9.30
CA ASP A 169 20.93 17.04 -8.93
C ASP A 169 19.51 17.62 -8.83
N SER A 170 18.56 16.71 -8.65
CA SER A 170 17.12 17.00 -8.58
C SER A 170 16.80 18.01 -7.50
N ILE A 171 15.97 18.99 -7.86
CA ILE A 171 15.64 20.11 -6.99
C ILE A 171 14.34 19.80 -6.25
N TYR A 172 14.39 19.85 -4.93
CA TYR A 172 13.22 19.59 -4.07
C TYR A 172 12.67 20.83 -3.37
N SER A 173 13.41 21.94 -3.40
CA SER A 173 12.95 23.18 -2.76
C SER A 173 13.48 24.43 -3.46
N LEU A 174 12.65 25.47 -3.46
CA LEU A 174 12.94 26.74 -4.09
C LEU A 174 12.33 27.89 -3.27
N ALA A 175 13.06 28.98 -3.11
CA ALA A 175 12.53 30.17 -2.43
C ALA A 175 13.17 31.43 -2.98
N MET A 176 12.35 32.46 -3.14
CA MET A 176 12.80 33.82 -3.49
C MET A 176 12.38 34.75 -2.37
N ASN A 177 13.16 35.79 -2.16
CA ASN A 177 12.78 36.84 -1.21
C ASN A 177 11.69 37.73 -1.81
N GLN A 178 10.92 38.36 -0.93
CA GLN A 178 9.82 39.25 -1.32
C GLN A 178 10.23 40.31 -2.37
N LEU A 179 11.46 40.83 -2.25
CA LEU A 179 11.97 41.88 -3.15
C LEU A 179 12.41 41.37 -4.54
N GLY A 180 12.70 40.06 -4.67
CA GLY A 180 13.09 39.47 -5.94
C GLY A 180 14.55 39.65 -6.30
N THR A 181 15.41 39.70 -5.28
CA THR A 181 16.85 39.88 -5.44
C THR A 181 17.68 38.64 -5.09
N ILE A 182 17.06 37.64 -4.47
CA ILE A 182 17.74 36.38 -4.15
C ILE A 182 16.81 35.21 -4.45
N ILE A 183 17.37 34.16 -5.05
CA ILE A 183 16.66 32.88 -5.21
C ILE A 183 17.56 31.76 -4.74
N VAL A 184 17.00 30.83 -3.96
CA VAL A 184 17.72 29.68 -3.40
C VAL A 184 17.03 28.38 -3.78
N SER A 185 17.84 27.40 -4.23
CA SER A 185 17.38 26.06 -4.51
C SER A 185 17.97 25.08 -3.49
N GLY A 186 17.21 24.04 -3.18
CA GLY A 186 17.70 22.92 -2.36
C GLY A 186 17.50 21.64 -3.15
N SER A 187 18.43 20.70 -3.00
CA SER A 187 18.49 19.54 -3.87
C SER A 187 19.07 18.34 -3.15
N THR A 188 19.08 17.21 -3.85
CA THR A 188 19.70 15.98 -3.34
C THR A 188 21.23 16.09 -3.37
N GLU A 189 21.77 17.13 -4.00
CA GLU A 189 23.17 17.50 -3.84
C GLU A 189 23.52 17.89 -2.38
N LYS A 190 22.50 18.18 -1.56
CA LYS A 190 22.63 18.46 -0.12
C LYS A 190 23.12 19.89 0.16
N VAL A 191 23.02 20.75 -0.84
CA VAL A 191 23.54 22.10 -0.79
C VAL A 191 22.47 23.11 -1.16
N LEU A 192 22.62 24.33 -0.65
CA LEU A 192 21.81 25.44 -1.11
C LEU A 192 22.60 26.15 -2.19
N ARG A 193 21.97 26.38 -3.34
CA ARG A 193 22.55 27.16 -4.41
C ARG A 193 21.77 28.44 -4.49
N VAL A 194 22.49 29.57 -4.62
CA VAL A 194 21.89 30.90 -4.58
C VAL A 194 22.23 31.64 -5.86
N TRP A 195 21.23 32.27 -6.46
CA TRP A 195 21.42 33.15 -7.61
C TRP A 195 20.78 34.51 -7.35
N ASP A 196 21.15 35.48 -8.18
CA ASP A 196 20.43 36.74 -8.29
C ASP A 196 19.50 36.56 -9.49
N PRO A 197 18.17 36.54 -9.26
CA PRO A 197 17.24 36.34 -10.37
C PRO A 197 17.16 37.48 -11.40
N ARG A 198 17.68 38.65 -11.06
CA ARG A 198 17.73 39.78 -12.01
C ARG A 198 18.82 39.55 -13.07
N THR A 199 19.98 39.07 -12.63
CA THR A 199 21.12 38.81 -13.52
C THR A 199 21.26 37.34 -13.97
N CYS A 200 20.68 36.41 -13.21
CA CYS A 200 20.88 34.96 -13.35
C CYS A 200 22.29 34.49 -12.96
N ALA A 201 22.98 35.27 -12.15
CA ALA A 201 24.37 34.98 -11.77
C ALA A 201 24.44 34.10 -10.53
N LYS A 202 25.26 33.06 -10.56
CA LYS A 202 25.57 32.26 -9.37
C LYS A 202 26.17 33.16 -8.29
N LEU A 203 25.54 33.21 -7.11
CA LEU A 203 26.06 33.98 -5.97
C LEU A 203 26.90 33.13 -5.03
N MET A 204 26.39 31.96 -4.64
CA MET A 204 27.11 31.08 -3.72
C MET A 204 26.51 29.66 -3.65
N LYS A 205 27.25 28.78 -3.00
CA LYS A 205 26.88 27.39 -2.78
C LYS A 205 27.17 27.06 -1.32
N LEU A 206 26.13 26.71 -0.56
CA LEU A 206 26.23 26.58 0.90
C LEU A 206 26.18 25.12 1.36
N LYS A 207 27.25 24.66 2.01
CA LYS A 207 27.38 23.28 2.49
C LYS A 207 27.06 23.20 3.98
N GLY A 208 26.57 22.04 4.41
CA GLY A 208 26.20 21.81 5.82
C GLY A 208 25.24 20.65 6.00
N HIS A 209 24.19 20.62 5.20
CA HIS A 209 23.26 19.49 5.23
C HIS A 209 23.90 18.20 4.72
N THR A 210 23.55 17.09 5.37
CA THR A 210 24.03 15.76 4.98
C THR A 210 22.99 14.93 4.23
N ASP A 211 21.92 15.57 3.73
CA ASP A 211 20.84 14.87 3.02
C ASP A 211 20.02 15.92 2.26
N ASN A 212 19.01 15.47 1.52
CA ASN A 212 18.14 16.31 0.72
C ASN A 212 17.62 17.54 1.47
N VAL A 213 17.50 18.65 0.75
CA VAL A 213 16.99 19.90 1.30
C VAL A 213 15.57 20.09 0.78
N LYS A 214 14.60 19.94 1.68
CA LYS A 214 13.17 19.85 1.33
C LYS A 214 12.38 21.13 1.53
N ALA A 215 12.88 22.05 2.36
CA ALA A 215 12.15 23.28 2.65
C ALA A 215 13.08 24.49 2.71
N LEU A 216 12.63 25.61 2.16
CA LEU A 216 13.39 26.85 2.17
C LEU A 216 12.50 28.04 2.45
N LEU A 217 13.05 28.95 3.27
CA LEU A 217 12.42 30.23 3.62
C LEU A 217 13.48 31.33 3.60
N LEU A 218 13.11 32.50 3.09
CA LEU A 218 13.96 33.67 3.07
C LEU A 218 13.22 34.83 3.74
N ASN A 219 13.95 35.61 4.53
CA ASN A 219 13.41 36.89 5.06
C ASN A 219 13.18 37.89 3.91
N ARG A 220 12.54 39.02 4.21
CA ARG A 220 12.21 40.01 3.18
C ARG A 220 13.43 40.46 2.36
N ASP A 221 14.54 40.78 3.04
CA ASP A 221 15.76 41.29 2.38
C ASP A 221 16.55 40.24 1.59
N GLY A 222 16.29 38.96 1.83
CA GLY A 222 17.09 37.89 1.23
C GLY A 222 18.49 37.79 1.81
N THR A 223 18.66 38.22 3.06
CA THR A 223 19.94 38.14 3.77
C THR A 223 20.02 36.88 4.62
N GLN A 224 18.86 36.31 4.98
CA GLN A 224 18.80 35.12 5.81
C GLN A 224 17.90 34.05 5.21
N CYS A 225 18.30 32.80 5.40
CA CYS A 225 17.61 31.64 4.87
C CYS A 225 17.43 30.61 5.97
N LEU A 226 16.22 30.06 6.09
CA LEU A 226 15.98 28.83 6.87
C LEU A 226 15.82 27.67 5.89
N SER A 227 16.54 26.58 6.15
CA SER A 227 16.41 25.35 5.36
C SER A 227 15.97 24.19 6.25
N GLY A 228 15.22 23.26 5.66
CA GLY A 228 14.77 22.05 6.34
C GLY A 228 15.20 20.87 5.51
N SER A 229 15.74 19.85 6.16
CA SER A 229 16.40 18.77 5.45
C SER A 229 15.97 17.39 5.94
N SER A 230 16.14 16.41 5.05
CA SER A 230 15.94 15.00 5.38
C SER A 230 16.92 14.49 6.46
N ASP A 231 18.05 15.18 6.65
CA ASP A 231 18.97 14.87 7.76
C ASP A 231 18.42 15.15 9.15
N GLY A 232 17.23 15.75 9.23
CA GLY A 232 16.56 15.97 10.52
C GLY A 232 16.79 17.36 11.10
N THR A 233 17.62 18.17 10.43
CA THR A 233 18.01 19.47 10.96
C THR A 233 17.28 20.62 10.26
N ILE A 234 17.16 21.73 10.97
CA ILE A 234 16.80 23.02 10.42
C ILE A 234 18.07 23.85 10.52
N ARG A 235 18.41 24.56 9.45
CA ARG A 235 19.62 25.39 9.41
C ARG A 235 19.29 26.83 9.07
N LEU A 236 19.88 27.76 9.83
CA LEU A 236 19.82 29.20 9.56
C LEU A 236 21.11 29.61 8.87
N TRP A 237 21.01 30.27 7.73
CA TRP A 237 22.15 30.66 6.92
C TRP A 237 22.18 32.18 6.78
N SER A 238 23.38 32.77 6.95
CA SER A 238 23.61 34.15 6.57
C SER A 238 24.16 34.19 5.15
N LEU A 239 23.45 34.83 4.24
CA LEU A 239 23.92 34.94 2.86
C LEU A 239 25.05 35.98 2.70
N GLY A 240 25.13 36.95 3.61
CA GLY A 240 26.24 37.90 3.65
C GLY A 240 27.56 37.24 3.99
N GLN A 241 27.58 36.47 5.07
CA GLN A 241 28.79 35.72 5.47
C GLN A 241 28.93 34.39 4.71
N GLN A 242 27.91 34.03 3.91
CA GLN A 242 27.91 32.80 3.13
C GLN A 242 28.20 31.59 4.01
N ARG A 243 27.46 31.46 5.11
CA ARG A 243 27.65 30.34 6.01
C ARG A 243 26.42 30.06 6.88
N CYS A 244 26.43 28.86 7.45
CA CYS A 244 25.44 28.43 8.40
C CYS A 244 25.78 29.06 9.75
N ILE A 245 24.85 29.84 10.28
CA ILE A 245 25.02 30.48 11.58
C ILE A 245 24.31 29.71 12.70
N ALA A 246 23.36 28.84 12.37
CA ALA A 246 22.68 28.01 13.38
C ALA A 246 22.14 26.69 12.83
N THR A 247 22.13 25.67 13.67
CA THR A 247 21.61 24.35 13.34
C THR A 247 20.73 23.91 14.50
N TYR A 248 19.46 23.66 14.20
CA TYR A 248 18.48 23.25 15.18
C TYR A 248 18.14 21.78 14.93
N ARG A 249 18.14 20.99 16.00
CA ARG A 249 17.88 19.54 15.93
C ARG A 249 16.67 19.23 16.81
N VAL A 250 15.47 19.46 16.27
CA VAL A 250 14.23 19.34 17.04
C VAL A 250 13.32 18.19 16.56
N HIS A 251 13.82 17.37 15.63
CA HIS A 251 13.05 16.29 15.02
C HIS A 251 13.85 15.00 14.97
N ASP A 252 13.14 13.88 15.07
CA ASP A 252 13.74 12.56 15.01
C ASP A 252 14.06 12.14 13.58
N GLU A 253 13.23 12.57 12.63
CA GLU A 253 13.36 12.19 11.22
C GLU A 253 13.39 13.45 10.35
N GLY A 254 13.37 13.30 9.03
CA GLY A 254 13.42 14.40 8.08
C GLY A 254 12.41 15.53 8.26
N VAL A 255 12.87 16.76 8.06
CA VAL A 255 12.05 17.96 8.13
C VAL A 255 11.66 18.32 6.71
N TRP A 256 10.36 18.45 6.46
CA TRP A 256 9.83 18.65 5.12
C TRP A 256 9.09 19.96 4.89
N ALA A 257 8.64 20.60 5.97
CA ALA A 257 7.82 21.80 5.86
C ALA A 257 8.27 22.80 6.89
N LEU A 258 8.31 24.08 6.51
CA LEU A 258 8.71 25.17 7.38
C LEU A 258 7.83 26.38 7.18
N GLN A 259 7.49 27.04 8.29
CA GLN A 259 6.97 28.41 8.26
C GLN A 259 7.75 29.22 9.28
N VAL A 260 7.76 30.53 9.08
CA VAL A 260 8.40 31.45 10.01
C VAL A 260 7.44 32.62 10.20
N ASN A 261 7.32 33.11 11.43
CA ASN A 261 6.51 34.30 11.71
C ASN A 261 7.07 35.54 11.02
N ASP A 262 6.26 36.59 10.95
CA ASP A 262 6.64 37.82 10.24
C ASP A 262 7.87 38.51 10.86
N ALA A 263 8.01 38.43 12.18
CA ALA A 263 9.18 38.98 12.87
C ALA A 263 10.47 38.15 12.71
N PHE A 264 10.35 36.92 12.18
CA PHE A 264 11.49 36.02 11.92
C PHE A 264 12.20 35.57 13.20
N THR A 265 11.42 35.27 14.25
CA THR A 265 11.96 34.82 15.54
C THR A 265 11.62 33.37 15.92
N HIS A 266 10.52 32.84 15.39
CA HIS A 266 10.09 31.46 15.68
C HIS A 266 9.88 30.69 14.38
N VAL A 267 10.38 29.46 14.35
CA VAL A 267 10.22 28.60 13.19
C VAL A 267 9.20 27.52 13.54
N TYR A 268 8.23 27.36 12.66
CA TYR A 268 7.24 26.29 12.75
C TYR A 268 7.68 25.18 11.79
N SER A 269 7.90 23.97 12.32
CA SER A 269 8.48 22.88 11.53
C SER A 269 7.69 21.57 11.67
N GLY A 270 7.72 20.78 10.60
CA GLY A 270 7.07 19.47 10.58
C GLY A 270 7.65 18.62 9.47
N GLY A 271 7.48 17.32 9.59
CA GLY A 271 8.01 16.38 8.61
C GLY A 271 7.58 14.95 8.86
N ARG A 272 8.53 14.02 8.75
N ARG A 272 8.54 14.03 8.76
CA ARG A 272 8.25 12.59 8.82
CA ARG A 272 8.31 12.59 8.83
C ARG A 272 7.73 12.11 10.19
C ARG A 272 7.76 12.11 10.18
N ASP A 273 8.22 12.70 11.27
CA ASP A 273 7.85 12.27 12.65
C ASP A 273 6.52 12.81 13.19
N ARG A 274 5.82 13.61 12.39
CA ARG A 274 4.42 14.03 12.68
C ARG A 274 4.28 15.14 13.74
N LYS A 275 5.31 15.36 14.54
CA LYS A 275 5.27 16.37 15.58
C LYS A 275 5.49 17.74 14.95
N ILE A 276 4.66 18.72 15.29
CA ILE A 276 4.81 20.06 14.78
C ILE A 276 5.27 20.96 15.93
N TYR A 277 6.47 21.54 15.79
CA TYR A 277 7.06 22.40 16.81
C TYR A 277 7.00 23.86 16.40
N CYS A 278 6.90 24.73 17.40
CA CYS A 278 7.18 26.15 17.23
C CYS A 278 8.43 26.40 18.07
N THR A 279 9.58 26.54 17.40
CA THR A 279 10.86 26.72 18.07
C THR A 279 11.32 28.18 17.98
N ASP A 280 11.73 28.74 19.12
CA ASP A 280 12.37 30.06 19.17
C ASP A 280 13.74 29.92 18.54
N LEU A 281 14.00 30.71 17.50
CA LEU A 281 15.29 30.69 16.80
C LEU A 281 16.47 31.23 17.61
N ARG A 282 16.23 31.99 18.68
CA ARG A 282 17.30 32.59 19.48
C ARG A 282 17.70 31.64 20.61
N ASN A 283 16.71 31.08 21.29
CA ASN A 283 16.93 30.00 22.26
C ASN A 283 15.99 28.81 21.91
N PRO A 284 16.49 27.83 21.13
CA PRO A 284 15.66 26.71 20.71
C PRO A 284 15.33 25.68 21.80
N ASP A 285 15.89 25.85 23.00
CA ASP A 285 15.41 25.12 24.18
C ASP A 285 13.96 25.53 24.52
N ILE A 286 13.57 26.76 24.15
CA ILE A 286 12.17 27.18 24.24
C ILE A 286 11.44 26.76 22.95
N ARG A 287 10.88 25.55 22.98
CA ARG A 287 10.07 25.03 21.87
C ARG A 287 8.74 24.45 22.40
N VAL A 288 7.70 24.60 21.57
CA VAL A 288 6.36 24.18 21.91
C VAL A 288 5.85 23.20 20.86
N LEU A 289 5.55 21.98 21.29
CA LEU A 289 4.83 21.01 20.46
C LEU A 289 3.39 21.50 20.30
N ILE A 290 3.06 21.97 19.09
CA ILE A 290 1.72 22.46 18.77
C ILE A 290 0.71 21.30 18.70
N CYS A 291 1.15 20.18 18.12
CA CYS A 291 0.33 18.97 18.01
C CYS A 291 1.18 17.83 17.48
N GLU A 292 0.71 16.60 17.69
CA GLU A 292 1.19 15.47 16.92
C GLU A 292 0.10 15.17 15.91
N GLU A 293 0.47 15.25 14.64
CA GLU A 293 -0.47 15.13 13.56
C GLU A 293 -0.65 13.63 13.26
N LYS A 294 -1.74 13.28 12.59
CA LYS A 294 -2.04 11.86 12.37
C LYS A 294 -1.26 11.20 11.25
N ALA A 295 -0.44 11.97 10.51
CA ALA A 295 0.42 11.43 9.45
C ALA A 295 1.59 12.38 9.19
N PRO A 296 2.64 11.93 8.47
CA PRO A 296 3.77 12.81 8.13
C PRO A 296 3.33 14.13 7.51
N VAL A 297 3.91 15.23 8.00
CA VAL A 297 3.53 16.58 7.58
C VAL A 297 4.30 16.93 6.30
N LEU A 298 3.55 17.34 5.27
CA LEU A 298 4.12 17.68 3.96
C LEU A 298 4.32 19.17 3.77
N LYS A 299 3.35 19.98 4.23
CA LYS A 299 3.42 21.45 4.11
C LYS A 299 2.57 22.10 5.17
N MET A 300 2.91 23.34 5.49
CA MET A 300 2.19 24.12 6.47
C MET A 300 2.08 25.56 6.01
N GLU A 301 0.96 26.21 6.30
CA GLU A 301 0.73 27.60 5.94
C GLU A 301 0.14 28.38 7.13
N LEU A 302 0.90 29.36 7.63
CA LEU A 302 0.46 30.19 8.74
C LEU A 302 -0.70 31.08 8.37
N ASP A 303 -1.65 31.21 9.30
CA ASP A 303 -2.64 32.28 9.28
C ASP A 303 -1.92 33.57 9.72
N ARG A 304 -1.80 34.55 8.83
CA ARG A 304 -1.15 35.83 9.14
C ARG A 304 -2.15 36.97 9.30
N SER A 305 -3.37 36.65 9.75
CA SER A 305 -4.43 37.65 9.96
C SER A 305 -4.19 38.51 11.20
N ALA A 306 -3.29 38.06 12.09
CA ALA A 306 -2.87 38.84 13.25
C ALA A 306 -1.44 38.48 13.63
N ASP A 307 -0.82 39.36 14.43
CA ASP A 307 0.47 39.08 15.06
C ASP A 307 0.25 39.07 16.58
N PRO A 308 0.62 38.00 17.30
CA PRO A 308 1.23 36.78 16.76
C PRO A 308 0.26 35.97 15.91
N PRO A 309 0.77 35.02 15.11
CA PRO A 309 -0.11 34.30 14.19
C PRO A 309 -1.11 33.42 14.94
N PRO A 310 -2.42 33.57 14.65
CA PRO A 310 -3.44 32.86 15.42
C PRO A 310 -3.52 31.35 15.18
N ALA A 311 -3.16 30.89 13.97
CA ALA A 311 -3.31 29.48 13.60
C ALA A 311 -2.33 29.07 12.51
N ILE A 312 -2.25 27.75 12.33
CA ILE A 312 -1.46 27.17 11.26
C ILE A 312 -2.25 26.06 10.55
N TRP A 313 -2.32 26.14 9.23
CA TRP A 313 -2.94 25.10 8.39
C TRP A 313 -1.89 24.07 8.04
N VAL A 314 -2.25 22.79 8.14
CA VAL A 314 -1.28 21.69 7.99
C VAL A 314 -1.77 20.71 6.93
N ALA A 315 -0.86 20.32 6.04
CA ALA A 315 -1.12 19.33 4.99
C ALA A 315 -0.29 18.10 5.28
N THR A 316 -0.90 16.92 5.15
CA THR A 316 -0.24 15.66 5.46
C THR A 316 -0.41 14.71 4.29
N THR A 317 0.13 13.51 4.44
CA THR A 317 -0.05 12.44 3.47
C THR A 317 -1.49 11.88 3.44
N LYS A 318 -2.28 12.19 4.47
CA LYS A 318 -3.72 11.96 4.45
C LYS A 318 -4.45 13.06 3.70
N SER A 319 -5.72 12.79 3.39
CA SER A 319 -6.54 13.67 2.57
C SER A 319 -7.22 14.82 3.31
N THR A 320 -7.38 14.70 4.62
CA THR A 320 -7.95 15.78 5.44
C THR A 320 -6.93 16.91 5.58
N VAL A 321 -7.42 18.13 5.73
CA VAL A 321 -6.57 19.30 6.00
C VAL A 321 -7.12 19.98 7.27
N ASN A 322 -6.24 20.10 8.29
CA ASN A 322 -6.59 20.63 9.62
C ASN A 322 -6.01 22.04 9.85
N LYS A 323 -6.78 22.91 10.50
CA LYS A 323 -6.27 24.16 11.08
C LYS A 323 -6.07 23.99 12.58
N TRP A 324 -4.83 24.14 13.03
CA TRP A 324 -4.52 24.12 14.46
C TRP A 324 -4.30 25.55 14.94
N THR A 325 -5.04 25.97 15.97
CA THR A 325 -4.80 27.30 16.56
C THR A 325 -3.48 27.32 17.33
N LEU A 326 -2.94 28.52 17.46
CA LEU A 326 -1.69 28.78 18.17
C LEU A 326 -1.91 29.65 19.41
N LYS A 327 -3.16 29.99 19.73
CA LYS A 327 -3.48 30.81 20.90
C LYS A 327 -3.29 30.01 22.18
N GLY A 328 -2.77 30.66 23.22
CA GLY A 328 -2.30 29.97 24.42
C GLY A 328 -0.93 29.36 24.22
N ILE A 329 -0.06 30.05 23.48
CA ILE A 329 1.30 29.58 23.20
C ILE A 329 2.23 29.71 24.42
N HIS A 330 1.89 30.61 25.35
CA HIS A 330 2.68 30.83 26.57
C HIS A 330 2.42 29.73 27.59
N PRO A 348 1.64 17.99 23.97
CA PRO A 348 0.92 18.70 22.92
C PRO A 348 0.16 19.91 23.45
N LEU A 349 0.13 21.01 22.68
CA LEU A 349 -0.54 22.26 23.09
C LEU A 349 -2.05 22.12 23.01
N CYS A 350 -2.55 21.83 21.81
CA CYS A 350 -3.96 21.54 21.62
C CYS A 350 -4.17 20.09 21.19
N THR A 351 -5.35 19.56 21.52
CA THR A 351 -5.65 18.13 21.38
C THR A 351 -6.34 17.81 20.04
N GLN A 352 -7.30 18.65 19.65
CA GLN A 352 -8.05 18.49 18.40
C GLN A 352 -7.90 19.72 17.51
N PRO A 353 -8.05 19.54 16.18
CA PRO A 353 -8.03 20.70 15.28
C PRO A 353 -9.15 21.70 15.56
N ASP A 354 -8.86 22.97 15.29
CA ASP A 354 -9.83 24.05 15.40
C ASP A 354 -10.81 24.03 14.22
N GLN A 355 -10.30 23.71 13.02
CA GLN A 355 -11.09 23.62 11.79
C GLN A 355 -10.60 22.41 10.98
N VAL A 356 -11.52 21.69 10.35
CA VAL A 356 -11.18 20.48 9.57
C VAL A 356 -11.83 20.57 8.20
N ILE A 357 -11.04 20.29 7.16
CA ILE A 357 -11.55 20.12 5.81
C ILE A 357 -11.52 18.62 5.53
N LYS A 358 -12.69 18.04 5.33
CA LYS A 358 -12.85 16.58 5.16
C LYS A 358 -12.05 16.06 3.99
N GLY A 359 -11.55 14.85 4.13
CA GLY A 359 -10.79 14.17 3.11
C GLY A 359 -11.54 12.95 2.61
N GLY A 360 -11.35 12.63 1.34
CA GLY A 360 -11.88 11.40 0.77
C GLY A 360 -10.96 10.23 1.05
N ALA A 361 -11.41 9.05 0.69
CA ALA A 361 -10.64 7.82 0.89
C ALA A 361 -9.74 7.59 -0.32
N SER A 362 -8.50 7.14 -0.05
CA SER A 362 -7.57 6.74 -1.11
C SER A 362 -7.69 5.25 -1.28
N ILE A 363 -7.69 4.79 -2.53
CA ILE A 363 -7.53 3.38 -2.84
C ILE A 363 -6.07 3.04 -2.64
N ILE A 364 -5.79 2.15 -1.69
CA ILE A 364 -4.41 1.80 -1.30
C ILE A 364 -4.02 0.38 -1.69
N GLN A 365 -4.98 -0.44 -2.08
CA GLN A 365 -4.68 -1.78 -2.58
C GLN A 365 -5.56 -2.09 -3.75
N CYS A 366 -5.00 -2.89 -4.65
CA CYS A 366 -5.63 -3.19 -5.92
C CYS A 366 -5.24 -4.61 -6.32
N HIS A 367 -6.21 -5.41 -6.74
CA HIS A 367 -5.95 -6.75 -7.24
C HIS A 367 -6.62 -6.96 -8.57
N ILE A 368 -5.85 -7.37 -9.58
CA ILE A 368 -6.35 -7.62 -10.92
C ILE A 368 -6.61 -9.13 -11.03
N PHE A 369 -7.86 -9.51 -11.25
CA PHE A 369 -8.21 -10.93 -11.38
C PHE A 369 -7.69 -11.50 -12.68
N ASN A 370 -7.70 -12.83 -12.79
CA ASN A 370 -7.12 -13.51 -13.95
C ASN A 370 -7.85 -13.25 -15.28
N ASP A 371 -9.08 -12.75 -15.23
CA ASP A 371 -9.77 -12.32 -16.45
C ASP A 371 -9.20 -11.04 -17.08
N LYS A 372 -8.32 -10.34 -16.36
CA LYS A 372 -7.71 -9.06 -16.80
C LYS A 372 -8.79 -8.08 -17.22
N ARG A 373 -9.82 -8.05 -16.40
CA ARG A 373 -10.97 -7.21 -16.59
C ARG A 373 -11.48 -6.64 -15.28
N HIS A 374 -11.66 -7.48 -14.26
CA HIS A 374 -12.13 -7.01 -12.97
C HIS A 374 -11.01 -6.77 -11.96
N ILE A 375 -11.27 -5.83 -11.07
CA ILE A 375 -10.33 -5.42 -10.05
C ILE A 375 -11.05 -5.33 -8.70
N LEU A 376 -10.35 -5.74 -7.64
CA LEU A 376 -10.85 -5.53 -6.28
C LEU A 376 -9.93 -4.54 -5.59
N THR A 377 -10.52 -3.55 -4.94
CA THR A 377 -9.75 -2.54 -4.24
C THR A 377 -10.10 -2.53 -2.76
N LYS A 378 -9.19 -1.96 -1.98
CA LYS A 378 -9.45 -1.59 -0.60
C LYS A 378 -8.97 -0.16 -0.44
N ASP A 379 -9.73 0.64 0.30
CA ASP A 379 -9.39 2.04 0.52
C ASP A 379 -9.02 2.31 1.98
N THR A 380 -8.67 3.56 2.27
CA THR A 380 -8.20 3.95 3.61
C THR A 380 -9.29 3.92 4.70
N ASN A 381 -10.57 3.83 4.32
CA ASN A 381 -11.67 3.50 5.26
C ASN A 381 -11.96 2.00 5.38
N ASN A 382 -11.11 1.18 4.76
CA ASN A 382 -11.26 -0.27 4.76
C ASN A 382 -12.46 -0.80 3.96
N ASN A 383 -13.07 0.05 3.13
CA ASN A 383 -14.14 -0.38 2.25
C ASN A 383 -13.56 -1.04 1.01
N VAL A 384 -14.21 -2.12 0.58
CA VAL A 384 -13.77 -2.95 -0.53
C VAL A 384 -14.76 -2.76 -1.67
N ALA A 385 -14.25 -2.66 -2.90
CA ALA A 385 -15.09 -2.49 -4.09
C ALA A 385 -14.59 -3.36 -5.24
N TYR A 386 -15.52 -3.67 -6.14
CA TYR A 386 -15.27 -4.51 -7.31
C TYR A 386 -15.51 -3.62 -8.51
N TRP A 387 -14.56 -3.57 -9.45
CA TRP A 387 -14.59 -2.64 -10.58
C TRP A 387 -14.43 -3.38 -11.89
N ASP A 388 -14.99 -2.80 -12.96
CA ASP A 388 -14.85 -3.31 -14.33
C ASP A 388 -13.92 -2.37 -15.10
N VAL A 389 -12.72 -2.85 -15.44
CA VAL A 389 -11.70 -2.02 -16.06
C VAL A 389 -12.09 -1.65 -17.49
N LEU A 390 -12.61 -2.63 -18.22
CA LEU A 390 -13.09 -2.47 -19.60
C LEU A 390 -14.16 -1.40 -19.77
N LYS A 391 -15.14 -1.41 -18.86
CA LYS A 391 -16.23 -0.43 -18.85
C LYS A 391 -15.94 0.80 -17.98
N ALA A 392 -14.79 0.83 -17.30
CA ALA A 392 -14.32 2.00 -16.55
C ALA A 392 -15.28 2.44 -15.46
N CYS A 393 -15.75 1.47 -14.69
CA CYS A 393 -16.78 1.77 -13.67
C CYS A 393 -16.78 0.77 -12.53
N LYS A 394 -17.35 1.20 -11.41
CA LYS A 394 -17.58 0.34 -10.26
C LYS A 394 -18.69 -0.67 -10.59
N VAL A 395 -18.54 -1.90 -10.09
CA VAL A 395 -19.61 -2.91 -10.20
C VAL A 395 -20.41 -2.97 -8.89
N GLU A 396 -19.73 -3.04 -7.76
CA GLU A 396 -20.40 -2.92 -6.46
C GLU A 396 -19.46 -2.51 -5.34
N ASP A 397 -20.03 -1.85 -4.33
CA ASP A 397 -19.38 -1.62 -3.05
C ASP A 397 -19.70 -2.82 -2.17
N LEU A 398 -18.67 -3.50 -1.67
CA LEU A 398 -18.88 -4.62 -0.75
C LEU A 398 -18.83 -4.20 0.72
N GLY A 399 -18.56 -2.93 1.02
CA GLY A 399 -18.35 -2.49 2.40
C GLY A 399 -17.07 -3.07 2.97
N LYS A 400 -17.00 -3.19 4.30
CA LYS A 400 -15.78 -3.56 5.02
C LYS A 400 -15.62 -5.07 5.21
N VAL A 401 -15.65 -5.80 4.08
CA VAL A 401 -15.38 -7.23 4.08
C VAL A 401 -13.87 -7.50 4.08
N ASP A 402 -13.51 -8.75 4.35
CA ASP A 402 -12.12 -9.14 4.40
C ASP A 402 -11.53 -9.13 2.99
N PHE A 403 -10.52 -8.29 2.78
CA PHE A 403 -10.03 -8.01 1.43
C PHE A 403 -9.32 -9.21 0.81
N GLU A 404 -8.38 -9.80 1.55
CA GLU A 404 -7.65 -10.97 1.04
C GLU A 404 -8.57 -12.17 0.81
N ASP A 405 -9.51 -12.39 1.72
CA ASP A 405 -10.49 -13.49 1.56
C ASP A 405 -11.48 -13.25 0.41
N GLU A 406 -11.87 -12.00 0.19
CA GLU A 406 -12.70 -11.65 -0.96
C GLU A 406 -11.97 -11.92 -2.29
N ILE A 407 -10.67 -11.66 -2.35
CA ILE A 407 -9.88 -12.01 -3.55
C ILE A 407 -9.93 -13.51 -3.81
N LYS A 408 -9.69 -14.29 -2.75
CA LYS A 408 -9.71 -15.74 -2.83
C LYS A 408 -11.07 -16.25 -3.29
N LYS A 409 -12.13 -15.76 -2.65
CA LYS A 409 -13.52 -16.10 -2.98
C LYS A 409 -13.86 -15.86 -4.47
N ARG A 410 -13.40 -14.73 -5.01
CA ARG A 410 -13.68 -14.36 -6.41
C ARG A 410 -12.67 -14.89 -7.44
N PHE A 411 -11.75 -15.76 -7.02
CA PHE A 411 -10.76 -16.33 -7.94
C PHE A 411 -11.37 -16.85 -9.24
N LYS A 412 -10.72 -16.52 -10.35
CA LYS A 412 -11.16 -16.93 -11.68
C LYS A 412 -10.07 -17.81 -12.27
N MET A 413 -10.44 -19.01 -12.70
CA MET A 413 -9.51 -19.93 -13.34
C MET A 413 -9.64 -19.76 -14.84
N VAL A 414 -8.97 -18.72 -15.33
CA VAL A 414 -8.82 -18.46 -16.76
C VAL A 414 -7.47 -17.79 -16.96
N TYR A 415 -6.93 -17.87 -18.16
CA TYR A 415 -5.81 -17.01 -18.53
C TYR A 415 -6.28 -16.01 -19.57
N VAL A 416 -5.90 -14.75 -19.36
CA VAL A 416 -6.04 -13.71 -20.34
C VAL A 416 -4.72 -12.94 -20.22
N PRO A 417 -4.05 -12.68 -21.36
CA PRO A 417 -2.78 -11.94 -21.29
C PRO A 417 -2.96 -10.51 -20.76
N ASN A 418 -1.92 -9.98 -20.12
CA ASN A 418 -1.95 -8.59 -19.64
C ASN A 418 -2.05 -7.60 -20.80
N TRP A 419 -2.94 -6.62 -20.64
CA TRP A 419 -3.14 -5.60 -21.65
C TRP A 419 -3.27 -4.17 -21.12
N PHE A 420 -3.06 -3.99 -19.82
CA PHE A 420 -3.02 -2.67 -19.20
C PHE A 420 -2.21 -2.74 -17.93
N SER A 421 -1.83 -1.58 -17.43
CA SER A 421 -1.22 -1.45 -16.12
C SER A 421 -2.06 -0.48 -15.31
N VAL A 422 -1.94 -0.63 -13.99
CA VAL A 422 -2.71 0.13 -13.03
C VAL A 422 -1.74 0.90 -12.17
N ASP A 423 -2.19 2.03 -11.66
CA ASP A 423 -1.40 2.84 -10.76
C ASP A 423 -2.34 3.59 -9.79
N LEU A 424 -1.92 3.68 -8.53
CA LEU A 424 -2.72 4.30 -7.46
C LEU A 424 -2.15 5.60 -6.92
N LYS A 425 -1.21 6.22 -7.64
CA LYS A 425 -0.57 7.51 -7.24
C LYS A 425 -1.54 8.59 -6.81
N THR A 426 -2.66 8.70 -7.52
CA THR A 426 -3.65 9.75 -7.24
C THR A 426 -4.66 9.38 -6.14
N GLY A 427 -4.56 8.15 -5.62
CA GLY A 427 -5.60 7.60 -4.73
C GLY A 427 -6.83 7.10 -5.45
N MET A 428 -6.85 7.23 -6.77
CA MET A 428 -7.91 6.72 -7.64
C MET A 428 -7.26 5.75 -8.60
N LEU A 429 -8.08 4.87 -9.18
CA LEU A 429 -7.62 3.90 -10.17
C LEU A 429 -7.30 4.60 -11.48
N THR A 430 -6.02 4.59 -11.86
CA THR A 430 -5.58 5.08 -13.16
C THR A 430 -5.06 3.89 -13.96
N ILE A 431 -5.63 3.73 -15.15
CA ILE A 431 -5.33 2.63 -16.04
C ILE A 431 -4.56 3.19 -17.21
N THR A 432 -3.49 2.52 -17.60
CA THR A 432 -2.65 2.92 -18.72
C THR A 432 -2.62 1.82 -19.79
N LEU A 433 -2.66 2.26 -21.04
CA LEU A 433 -2.67 1.41 -22.22
C LEU A 433 -1.45 1.78 -23.07
N ASP A 434 -0.63 0.79 -23.38
CA ASP A 434 0.61 0.95 -24.11
C ASP A 434 0.50 0.12 -25.38
N GLU A 435 1.02 0.69 -26.46
CA GLU A 435 1.12 0.03 -27.78
C GLU A 435 1.56 -1.45 -27.73
N SER A 436 2.57 -1.73 -26.92
CA SER A 436 3.19 -3.07 -26.85
C SER A 436 2.27 -4.22 -26.42
N ASP A 437 1.36 -3.98 -25.48
CA ASP A 437 0.42 -5.02 -25.04
C ASP A 437 -1.07 -4.66 -24.98
N CYS A 438 -1.44 -3.43 -25.37
CA CYS A 438 -2.85 -3.01 -25.38
C CYS A 438 -3.75 -4.00 -26.09
N PHE A 439 -3.27 -4.57 -27.20
CA PHE A 439 -4.07 -5.49 -28.04
C PHE A 439 -3.87 -6.98 -27.77
N ALA A 440 -3.20 -7.34 -26.67
CA ALA A 440 -2.86 -8.73 -26.38
C ALA A 440 -4.05 -9.64 -26.04
N ALA A 441 -5.14 -9.07 -25.52
CA ALA A 441 -6.25 -9.87 -24.96
C ALA A 441 -7.43 -10.01 -25.92
N TRP A 442 -7.72 -11.25 -26.29
CA TRP A 442 -8.92 -11.60 -27.07
C TRP A 442 -9.84 -12.43 -26.20
N VAL A 443 -11.12 -12.07 -26.18
CA VAL A 443 -12.12 -12.79 -25.41
C VAL A 443 -13.37 -12.93 -26.27
N SER A 444 -14.08 -14.05 -26.12
CA SER A 444 -15.30 -14.28 -26.87
C SER A 444 -16.39 -13.35 -26.32
N ALA A 445 -17.25 -12.86 -27.21
CA ALA A 445 -18.34 -11.95 -26.84
C ALA A 445 -19.15 -12.45 -25.65
N LYS A 446 -19.52 -13.72 -25.66
CA LYS A 446 -20.43 -14.27 -24.64
C LYS A 446 -19.74 -14.54 -23.29
N ASP A 447 -18.46 -14.88 -23.33
CA ASP A 447 -17.64 -14.92 -22.09
C ASP A 447 -17.48 -13.53 -21.48
N ALA A 448 -17.39 -12.50 -22.32
CA ALA A 448 -17.33 -11.11 -21.86
C ALA A 448 -18.67 -10.53 -21.36
N GLY A 449 -19.76 -11.27 -21.48
CA GLY A 449 -21.09 -10.81 -21.03
C GLY A 449 -21.87 -10.00 -22.05
N PHE A 450 -21.44 -10.04 -23.32
CA PHE A 450 -22.12 -9.37 -24.44
C PHE A 450 -22.81 -10.38 -25.38
N SER A 451 -23.47 -9.85 -26.39
CA SER A 451 -23.98 -10.65 -27.51
C SER A 451 -24.17 -9.74 -28.72
N SER A 452 -24.36 -10.34 -29.90
CA SER A 452 -24.55 -9.59 -31.15
C SER A 452 -26.04 -9.51 -31.53
N PRO A 453 -26.41 -8.64 -32.51
CA PRO A 453 -27.81 -8.59 -32.99
C PRO A 453 -28.41 -9.93 -33.46
N ASP A 454 -27.58 -10.82 -34.02
CA ASP A 454 -28.02 -12.15 -34.48
C ASP A 454 -27.21 -13.28 -33.83
N GLY A 455 -27.60 -13.63 -32.60
CA GLY A 455 -27.08 -14.79 -31.85
C GLY A 455 -25.64 -15.24 -32.06
N SER A 456 -24.73 -14.27 -32.23
CA SER A 456 -23.35 -14.54 -32.62
C SER A 456 -22.40 -14.46 -31.43
N ASP A 457 -21.23 -15.09 -31.59
CA ASP A 457 -20.16 -15.09 -30.59
C ASP A 457 -18.79 -14.87 -31.26
N PRO A 458 -18.54 -13.64 -31.75
CA PRO A 458 -17.24 -13.33 -32.33
C PRO A 458 -16.14 -13.16 -31.26
N LYS A 459 -14.90 -13.04 -31.71
CA LYS A 459 -13.77 -12.76 -30.82
C LYS A 459 -13.59 -11.24 -30.73
N LEU A 460 -13.51 -10.73 -29.50
CA LEU A 460 -13.36 -9.29 -29.25
C LEU A 460 -11.98 -9.01 -28.66
N ASN A 461 -11.37 -7.91 -29.08
CA ASN A 461 -10.13 -7.42 -28.50
C ASN A 461 -10.43 -6.38 -27.41
N LEU A 462 -10.04 -6.65 -26.18
CA LEU A 462 -10.44 -5.83 -25.05
C LEU A 462 -9.93 -4.41 -25.18
N GLY A 463 -8.64 -4.28 -25.47
CA GLY A 463 -8.00 -2.99 -25.70
C GLY A 463 -8.57 -2.20 -26.87
N GLY A 464 -8.93 -2.92 -27.94
CA GLY A 464 -9.54 -2.31 -29.13
C GLY A 464 -10.91 -1.74 -28.81
N LEU A 465 -11.74 -2.55 -28.14
CA LEU A 465 -13.04 -2.13 -27.66
C LEU A 465 -12.92 -0.92 -26.74
N LEU A 466 -11.94 -0.93 -25.85
CA LEU A 466 -11.80 0.14 -24.87
C LEU A 466 -11.39 1.46 -25.51
N LEU A 467 -10.40 1.43 -26.41
CA LEU A 467 -9.96 2.65 -27.11
C LEU A 467 -11.09 3.32 -27.91
N GLN A 468 -11.94 2.50 -28.52
CA GLN A 468 -13.09 3.01 -29.24
C GLN A 468 -14.11 3.69 -28.32
N ALA A 469 -14.28 3.15 -27.11
CA ALA A 469 -15.17 3.76 -26.11
C ALA A 469 -14.61 5.07 -25.56
N LEU A 470 -13.31 5.11 -25.29
CA LEU A 470 -12.69 6.33 -24.76
C LEU A 470 -12.76 7.48 -25.77
N LEU A 471 -12.69 7.15 -27.06
CA LEU A 471 -12.75 8.15 -28.12
C LEU A 471 -14.09 8.15 -28.87
N GLU A 472 -15.14 7.64 -28.22
CA GLU A 472 -16.47 7.53 -28.81
C GLU A 472 -17.01 8.87 -29.34
N TYR A 473 -16.75 9.95 -28.59
CA TYR A 473 -17.27 11.29 -28.93
C TYR A 473 -16.41 12.02 -29.98
N TRP A 474 -15.26 11.48 -30.34
CA TRP A 474 -14.41 12.09 -31.36
C TRP A 474 -15.02 11.84 -32.74
N PRO A 475 -15.48 12.91 -33.44
CA PRO A 475 -16.22 12.68 -34.70
C PRO A 475 -15.42 11.99 -35.80
N ARG A 476 -14.10 12.18 -35.83
CA ARG A 476 -13.22 11.45 -36.75
C ARG A 476 -13.31 9.92 -36.63
N THR A 477 -13.78 9.40 -35.49
CA THR A 477 -14.03 7.96 -35.32
C THR A 477 -15.43 7.49 -35.75
N HIS A 478 -16.30 8.43 -36.11
CA HIS A 478 -17.69 8.11 -36.44
C HIS A 478 -17.82 7.51 -37.85
N VAL A 479 -18.84 6.66 -38.01
CA VAL A 479 -19.12 6.00 -39.29
C VAL A 479 -20.57 6.31 -39.66
N ASN A 480 -20.79 6.85 -40.85
CA ASN A 480 -22.13 7.19 -41.33
C ASN A 480 -22.88 5.90 -41.70
N PRO A 481 -24.22 5.91 -41.57
CA PRO A 481 -25.00 4.68 -41.77
C PRO A 481 -25.26 4.32 -43.24
N MET A 482 -25.74 3.08 -43.43
CA MET A 482 -26.25 2.58 -44.71
C MET A 482 -27.73 2.27 -44.58
N ASN A 498 -29.56 8.41 -41.11
CA ASN A 498 -30.39 7.91 -40.00
C ASN A 498 -29.71 8.16 -38.64
N ARG A 499 -28.77 7.29 -38.26
CA ARG A 499 -28.00 7.44 -37.02
C ARG A 499 -26.55 7.02 -37.27
N VAL A 500 -25.62 7.83 -36.78
CA VAL A 500 -24.19 7.55 -36.96
C VAL A 500 -23.76 6.44 -35.99
N GLN A 501 -22.77 5.65 -36.38
CA GLN A 501 -22.24 4.57 -35.53
C GLN A 501 -21.01 5.03 -34.76
N LYS A 502 -21.12 5.03 -33.43
CA LYS A 502 -20.08 5.57 -32.53
C LYS A 502 -19.55 4.47 -31.63
N GLY A 503 -18.27 4.56 -31.29
CA GLY A 503 -17.69 3.67 -30.31
C GLY A 503 -17.63 2.23 -30.79
N ASN A 504 -17.83 1.30 -29.87
CA ASN A 504 -17.50 -0.11 -30.13
C ASN A 504 -18.70 -1.00 -30.45
N GLY A 505 -19.92 -0.51 -30.19
CA GLY A 505 -21.13 -1.29 -30.41
C GLY A 505 -21.63 -2.09 -29.21
N TYR A 506 -20.76 -2.34 -28.22
CA TYR A 506 -21.09 -3.19 -27.07
C TYR A 506 -21.27 -2.46 -25.74
N PHE A 507 -20.48 -1.42 -25.50
CA PHE A 507 -20.57 -0.66 -24.23
C PHE A 507 -20.01 0.77 -24.37
N GLN A 508 -20.40 1.60 -23.40
CA GLN A 508 -19.87 2.95 -23.26
C GLN A 508 -19.17 3.09 -21.90
N VAL A 509 -18.14 3.95 -21.86
CA VAL A 509 -17.53 4.34 -20.58
C VAL A 509 -18.31 5.52 -20.00
N PRO A 510 -18.15 5.83 -18.70
CA PRO A 510 -18.84 7.02 -18.19
C PRO A 510 -18.34 8.29 -18.92
N PRO A 511 -19.26 9.17 -19.38
CA PRO A 511 -18.84 10.34 -20.19
C PRO A 511 -17.90 11.34 -19.51
N HIS A 512 -17.92 11.40 -18.19
CA HIS A 512 -16.97 12.26 -17.45
C HIS A 512 -15.56 11.66 -17.32
N THR A 513 -15.32 10.46 -17.84
CA THR A 513 -14.02 9.79 -17.69
C THR A 513 -12.85 10.60 -18.28
N PRO A 514 -11.87 11.00 -17.44
CA PRO A 514 -10.70 11.67 -17.99
C PRO A 514 -9.89 10.74 -18.88
N VAL A 515 -9.49 11.24 -20.04
CA VAL A 515 -8.69 10.50 -21.01
C VAL A 515 -7.43 11.31 -21.16
N ILE A 516 -6.27 10.64 -21.08
CA ILE A 516 -4.97 11.28 -20.99
C ILE A 516 -4.02 10.65 -22.00
N PHE A 517 -3.28 11.50 -22.72
CA PHE A 517 -2.28 11.09 -23.68
C PHE A 517 -0.93 11.57 -23.18
N GLY A 518 0.02 10.65 -23.02
CA GLY A 518 1.31 10.98 -22.44
C GLY A 518 2.47 10.17 -22.97
N GLU A 519 3.65 10.76 -22.89
CA GLU A 519 4.89 10.10 -23.28
C GLU A 519 5.31 9.12 -22.20
N ALA A 520 5.58 7.87 -22.58
CA ALA A 520 6.06 6.86 -21.63
C ALA A 520 7.30 7.39 -20.90
N GLY A 521 7.22 7.43 -19.57
CA GLY A 521 8.26 8.03 -18.74
C GLY A 521 8.61 9.47 -19.09
N GLY A 522 7.62 10.23 -19.55
CA GLY A 522 7.87 11.58 -20.07
C GLY A 522 6.77 12.57 -19.75
N ARG A 523 6.55 13.49 -20.69
CA ARG A 523 5.61 14.57 -20.53
C ARG A 523 4.18 14.11 -20.83
N THR A 524 3.25 14.61 -20.04
CA THR A 524 1.84 14.58 -20.40
C THR A 524 1.65 15.51 -21.60
N LEU A 525 0.93 15.05 -22.61
CA LEU A 525 0.68 15.82 -23.83
C LEU A 525 -0.68 16.52 -23.82
N PHE A 526 -1.73 15.77 -23.47
CA PHE A 526 -3.11 16.24 -23.58
C PHE A 526 -4.05 15.46 -22.65
N ARG A 527 -4.96 16.19 -22.01
CA ARG A 527 -6.00 15.62 -21.16
C ARG A 527 -7.36 16.20 -21.58
N LEU A 528 -8.39 15.37 -21.60
CA LEU A 528 -9.78 15.82 -21.78
C LEU A 528 -10.76 14.80 -21.18
N LEU A 529 -11.99 15.23 -20.92
CA LEU A 529 -13.05 14.32 -20.54
C LEU A 529 -13.60 13.66 -21.79
N CYS A 530 -13.99 12.39 -21.65
CA CYS A 530 -14.47 11.55 -22.75
C CYS A 530 -15.54 12.28 -23.58
N ARG A 531 -16.51 12.87 -22.89
CA ARG A 531 -17.62 13.55 -23.56
C ARG A 531 -17.29 14.85 -24.33
N ASP A 532 -16.05 15.34 -24.26
CA ASP A 532 -15.69 16.62 -24.86
C ASP A 532 -14.84 16.50 -26.13
N SER A 533 -14.62 15.28 -26.63
CA SER A 533 -13.85 15.08 -27.86
C SER A 533 -14.46 15.73 -29.11
N GLY A 534 -15.76 16.00 -29.09
CA GLY A 534 -16.44 16.73 -30.15
C GLY A 534 -16.15 18.20 -30.24
N GLY A 535 -15.61 18.79 -29.18
CA GLY A 535 -15.25 20.21 -29.19
C GLY A 535 -14.17 20.55 -30.19
N GLU A 536 -14.18 21.81 -30.65
CA GLU A 536 -13.33 22.27 -31.74
C GLU A 536 -11.86 22.12 -31.38
N THR A 537 -11.47 22.67 -30.23
CA THR A 537 -10.10 22.58 -29.75
C THR A 537 -9.72 21.14 -29.38
N GLU A 538 -10.65 20.43 -28.76
CA GLU A 538 -10.42 19.04 -28.38
C GLU A 538 -10.17 18.14 -29.61
N SER A 539 -11.01 18.26 -30.64
CA SER A 539 -10.80 17.53 -31.90
C SER A 539 -9.43 17.81 -32.52
N MET A 540 -9.08 19.08 -32.59
CA MET A 540 -7.79 19.51 -33.16
C MET A 540 -6.61 18.95 -32.35
N LEU A 541 -6.70 18.98 -31.03
CA LEU A 541 -5.61 18.45 -30.19
C LEU A 541 -5.52 16.93 -30.24
N LEU A 542 -6.65 16.25 -30.44
CA LEU A 542 -6.63 14.79 -30.65
C LEU A 542 -5.93 14.44 -31.95
N ASN A 543 -6.22 15.19 -33.03
CA ASN A 543 -5.47 15.07 -34.29
C ASN A 543 -3.96 15.24 -34.11
N GLU A 544 -3.57 16.21 -33.27
CA GLU A 544 -2.15 16.46 -32.98
C GLU A 544 -1.49 15.38 -32.10
N THR A 545 -2.26 14.77 -31.19
CA THR A 545 -1.72 13.96 -30.09
C THR A 545 -2.01 12.45 -30.15
N VAL A 546 -3.17 12.05 -30.66
CA VAL A 546 -3.56 10.63 -30.67
C VAL A 546 -2.58 9.90 -31.58
N PRO A 547 -1.82 8.92 -31.02
CA PRO A 547 -0.80 8.25 -31.83
C PRO A 547 -1.41 7.28 -32.83
N GLN A 548 -0.62 6.94 -33.86
CA GLN A 548 -1.06 6.11 -34.98
C GLN A 548 -1.63 4.75 -34.59
N TRP A 549 -1.08 4.14 -33.54
CA TRP A 549 -1.57 2.82 -33.09
C TRP A 549 -3.00 2.88 -32.56
N VAL A 550 -3.37 4.03 -31.99
CA VAL A 550 -4.76 4.27 -31.61
C VAL A 550 -5.59 4.64 -32.84
N ILE A 551 -5.04 5.49 -33.73
CA ILE A 551 -5.69 5.89 -35.00
C ILE A 551 -6.15 4.65 -35.80
N ASP A 552 -5.28 3.64 -35.89
CA ASP A 552 -5.56 2.40 -36.64
C ASP A 552 -6.86 1.73 -36.24
N ILE A 553 -7.12 1.68 -34.94
CA ILE A 553 -8.30 0.98 -34.41
C ILE A 553 -9.53 1.89 -34.34
N THR A 554 -9.33 3.17 -34.03
CA THR A 554 -10.44 4.07 -33.72
C THR A 554 -10.97 4.79 -34.94
N VAL A 555 -10.06 5.31 -35.78
CA VAL A 555 -10.44 6.02 -37.02
C VAL A 555 -10.55 5.04 -38.19
N ASP A 556 -9.44 4.38 -38.51
CA ASP A 556 -9.35 3.48 -39.67
C ASP A 556 -10.05 2.12 -39.47
N LYS A 557 -10.40 1.78 -38.23
CA LYS A 557 -11.20 0.58 -37.90
C LYS A 557 -10.50 -0.76 -38.27
N ASN A 558 -9.18 -0.81 -38.08
CA ASN A 558 -8.39 -2.00 -38.36
C ASN A 558 -8.11 -2.79 -37.08
N MET A 559 -9.18 -3.35 -36.48
CA MET A 559 -9.07 -4.08 -35.20
C MET A 559 -8.12 -5.27 -35.42
N PRO A 560 -7.01 -5.34 -34.63
CA PRO A 560 -5.86 -6.14 -35.04
C PRO A 560 -6.04 -7.64 -34.80
N ARG B 12 -7.66 -31.84 -11.41
CA ARG B 12 -6.91 -30.85 -10.58
C ARG B 12 -6.47 -29.61 -11.38
N ARG B 13 -5.98 -28.60 -10.66
CA ARG B 13 -5.68 -27.27 -11.22
C ARG B 13 -4.25 -27.16 -11.76
N LYS B 14 -3.95 -26.00 -12.36
CA LYS B 14 -2.59 -25.61 -12.72
C LYS B 14 -1.74 -25.50 -11.47
N VAL B 15 -0.50 -26.00 -11.53
CA VAL B 15 0.46 -25.82 -10.46
C VAL B 15 1.37 -24.64 -10.79
N GLN B 16 1.49 -23.70 -9.86
CA GLN B 16 2.38 -22.54 -9.98
C GLN B 16 3.63 -22.76 -9.13
N VAL B 17 4.74 -22.19 -9.57
CA VAL B 17 5.98 -22.17 -8.80
C VAL B 17 6.16 -20.77 -8.22
N SER B 18 6.40 -20.69 -6.92
CA SER B 18 6.59 -19.44 -6.21
C SER B 18 7.91 -19.46 -5.44
N TYR B 19 8.48 -18.28 -5.24
CA TYR B 19 9.65 -18.13 -4.37
C TYR B 19 9.64 -16.79 -3.65
N VAL B 20 10.34 -16.76 -2.52
CA VAL B 20 10.39 -15.60 -1.64
C VAL B 20 11.80 -15.02 -1.61
N ILE B 21 11.91 -13.71 -1.87
CA ILE B 21 13.16 -12.97 -1.78
C ILE B 21 13.29 -12.37 -0.39
N ARG B 22 14.28 -12.84 0.34
CA ARG B 22 14.41 -12.58 1.76
C ARG B 22 15.81 -12.99 2.21
N ASP B 23 16.09 -12.80 3.48
CA ASP B 23 17.32 -13.31 4.09
C ASP B 23 17.09 -14.68 4.69
N GLU B 24 18.20 -15.33 5.04
CA GLU B 24 18.19 -16.67 5.61
C GLU B 24 17.47 -16.71 6.96
N VAL B 25 17.81 -15.78 7.84
CA VAL B 25 17.11 -15.54 9.08
C VAL B 25 16.23 -14.30 8.91
N GLU B 26 14.94 -14.45 9.18
CA GLU B 26 14.03 -13.32 9.31
C GLU B 26 13.62 -13.36 10.77
N LYS B 27 14.49 -12.78 11.60
CA LYS B 27 14.39 -12.84 13.05
C LYS B 27 13.12 -12.19 13.59
N TYR B 28 12.70 -11.11 12.93
CA TYR B 28 11.56 -10.32 13.39
C TYR B 28 10.41 -10.49 12.42
N ASN B 29 9.19 -10.34 12.93
CA ASN B 29 7.99 -10.36 12.08
C ASN B 29 8.10 -9.32 10.98
N ARG B 30 7.80 -9.71 9.75
CA ARG B 30 7.86 -8.83 8.60
C ARG B 30 6.48 -8.34 8.20
N ASN B 31 5.47 -8.67 9.01
CA ASN B 31 4.11 -8.18 8.80
C ASN B 31 3.38 -8.29 10.13
N GLY B 32 2.06 -8.08 10.14
CA GLY B 32 1.25 -8.23 11.36
C GLY B 32 1.27 -9.60 11.99
N VAL B 33 0.72 -9.70 13.20
CA VAL B 33 0.68 -10.93 13.97
C VAL B 33 -0.79 -11.28 14.21
N ASN B 34 -1.19 -12.48 13.81
CA ASN B 34 -2.60 -12.89 13.86
C ASN B 34 -2.98 -13.60 15.14
N ALA B 35 -2.02 -14.20 15.84
CA ALA B 35 -2.31 -14.99 17.04
C ALA B 35 -1.12 -15.15 17.96
N LEU B 36 -1.41 -15.48 19.21
CA LEU B 36 -0.44 -15.51 20.28
C LEU B 36 -0.72 -16.69 21.21
N GLN B 37 0.33 -17.30 21.75
CA GLN B 37 0.21 -18.35 22.76
C GLN B 37 1.34 -18.23 23.78
N LEU B 38 1.00 -18.29 25.07
CA LEU B 38 1.97 -18.26 26.17
C LEU B 38 2.21 -19.66 26.71
N ASP B 39 3.49 -20.02 26.86
CA ASP B 39 3.89 -21.18 27.64
C ASP B 39 4.32 -20.65 29.02
N PRO B 40 3.44 -20.79 30.05
CA PRO B 40 3.77 -20.23 31.36
C PRO B 40 4.93 -20.96 32.07
N ALA B 41 5.03 -22.28 31.84
CA ALA B 41 6.11 -23.10 32.38
C ALA B 41 7.50 -22.62 31.93
N LEU B 42 7.70 -22.51 30.61
CA LEU B 42 8.99 -22.09 30.04
C LEU B 42 9.14 -20.58 29.86
N ASN B 43 8.10 -19.80 30.19
CA ASN B 43 8.10 -18.35 29.99
C ASN B 43 8.43 -17.98 28.54
N ARG B 44 7.65 -18.55 27.63
CA ARG B 44 7.80 -18.33 26.19
C ARG B 44 6.51 -17.85 25.57
N LEU B 45 6.65 -16.98 24.57
CA LEU B 45 5.54 -16.52 23.75
C LEU B 45 5.75 -17.02 22.32
N PHE B 46 4.70 -17.61 21.73
CA PHE B 46 4.69 -17.94 20.32
C PHE B 46 3.90 -16.86 19.57
N THR B 47 4.43 -16.36 18.46
CA THR B 47 3.71 -15.42 17.60
C THR B 47 3.42 -16.08 16.25
N ALA B 48 2.20 -15.89 15.73
CA ALA B 48 1.78 -16.44 14.47
C ALA B 48 1.73 -15.31 13.46
N GLY B 49 2.67 -15.33 12.52
CA GLY B 49 2.89 -14.22 11.61
C GLY B 49 2.10 -14.24 10.32
N ARG B 50 1.66 -13.04 9.90
CA ARG B 50 1.22 -12.79 8.53
C ARG B 50 2.37 -12.92 7.54
N ASP B 51 3.61 -12.92 8.04
CA ASP B 51 4.77 -13.25 7.18
C ASP B 51 4.98 -14.75 6.93
N SER B 52 4.01 -15.57 7.36
CA SER B 52 4.01 -17.04 7.20
C SER B 52 4.89 -17.78 8.23
N ILE B 53 5.50 -17.06 9.17
CA ILE B 53 6.49 -17.62 10.08
C ILE B 53 5.97 -17.53 11.52
N ILE B 54 6.10 -18.64 12.26
CA ILE B 54 5.80 -18.69 13.68
C ILE B 54 7.13 -18.48 14.40
N ARG B 55 7.15 -17.63 15.42
CA ARG B 55 8.38 -17.39 16.18
C ARG B 55 8.23 -17.64 17.68
N ILE B 56 9.32 -18.10 18.30
CA ILE B 56 9.37 -18.40 19.72
C ILE B 56 10.21 -17.33 20.39
N TRP B 57 9.68 -16.78 21.48
CA TRP B 57 10.31 -15.68 22.20
C TRP B 57 10.37 -16.02 23.69
N SER B 58 11.40 -15.52 24.37
CA SER B 58 11.49 -15.60 25.82
C SER B 58 10.90 -14.34 26.41
N VAL B 59 9.97 -14.48 27.36
CA VAL B 59 9.27 -13.34 28.00
C VAL B 59 9.84 -12.88 29.36
N ASN B 60 10.99 -13.43 29.76
CA ASN B 60 11.78 -12.87 30.86
C ASN B 60 12.46 -11.58 30.42
N GLN B 61 12.17 -10.48 31.11
CA GLN B 61 12.77 -9.17 30.80
C GLN B 61 14.26 -9.09 31.17
N HIS B 62 14.76 -10.06 31.94
CA HIS B 62 16.18 -10.15 32.30
C HIS B 62 17.09 -10.05 31.06
N LYS B 63 16.97 -11.01 30.16
CA LYS B 63 17.86 -11.11 28.99
C LYS B 63 17.48 -10.11 27.90
N GLN B 64 18.50 -9.56 27.25
CA GLN B 64 18.32 -8.45 26.30
C GLN B 64 17.69 -8.88 24.97
N ASP B 65 18.03 -10.08 24.49
CA ASP B 65 17.52 -10.59 23.20
C ASP B 65 16.49 -11.69 23.44
N PRO B 66 15.20 -11.38 23.23
CA PRO B 66 14.14 -12.37 23.50
C PRO B 66 14.00 -13.49 22.46
N TYR B 67 14.66 -13.36 21.30
CA TYR B 67 14.50 -14.32 20.19
C TYR B 67 15.05 -15.71 20.54
N ILE B 68 14.20 -16.72 20.39
CA ILE B 68 14.60 -18.11 20.55
C ILE B 68 14.72 -18.76 19.19
N ALA B 69 13.62 -18.77 18.42
CA ALA B 69 13.59 -19.50 17.15
C ALA B 69 12.55 -18.99 16.16
N SER B 70 12.73 -19.37 14.90
CA SER B 70 11.72 -19.23 13.86
C SER B 70 11.24 -20.64 13.51
N MET B 71 9.93 -20.77 13.26
CA MET B 71 9.31 -22.04 12.92
C MET B 71 8.68 -21.90 11.54
N GLU B 72 9.42 -22.36 10.51
CA GLU B 72 9.12 -22.11 9.11
C GLU B 72 8.62 -23.36 8.40
N HIS B 73 7.56 -23.22 7.60
CA HIS B 73 6.96 -24.32 6.82
C HIS B 73 5.74 -23.84 6.04
N HIS B 74 4.90 -23.00 6.67
CA HIS B 74 3.77 -22.37 6.00
C HIS B 74 4.20 -21.42 4.88
N THR B 75 3.36 -21.29 3.85
CA THR B 75 3.63 -20.49 2.67
C THR B 75 2.69 -19.28 2.52
N ASP B 76 1.86 -19.02 3.53
CA ASP B 76 0.99 -17.84 3.56
C ASP B 76 0.69 -17.56 5.03
N TRP B 77 -0.18 -16.59 5.30
CA TRP B 77 -0.51 -16.17 6.67
C TRP B 77 -0.73 -17.36 7.60
N VAL B 78 -0.14 -17.27 8.78
CA VAL B 78 -0.50 -18.15 9.87
C VAL B 78 -1.60 -17.42 10.62
N ASN B 79 -2.82 -17.94 10.50
CA ASN B 79 -4.00 -17.28 11.05
C ASN B 79 -4.26 -17.59 12.51
N ASP B 80 -3.87 -18.78 12.96
CA ASP B 80 -4.09 -19.16 14.36
C ASP B 80 -3.11 -20.24 14.80
N ILE B 81 -2.80 -20.25 16.09
CA ILE B 81 -1.96 -21.28 16.71
C ILE B 81 -2.51 -21.69 18.06
N VAL B 82 -2.39 -22.98 18.39
CA VAL B 82 -2.77 -23.51 19.69
C VAL B 82 -1.60 -24.27 20.30
N LEU B 83 -1.13 -23.80 21.45
CA LEU B 83 -0.12 -24.51 22.25
C LEU B 83 -0.83 -25.49 23.14
N CYS B 84 -0.48 -26.77 23.02
CA CYS B 84 -1.14 -27.81 23.79
C CYS B 84 -0.13 -28.85 24.32
N CYS B 85 -0.63 -29.84 25.06
CA CYS B 85 0.18 -30.93 25.64
C CYS B 85 1.32 -30.42 26.52
N ASN B 86 0.96 -29.53 27.46
CA ASN B 86 1.93 -28.91 28.40
C ASN B 86 3.06 -28.16 27.69
N GLY B 87 2.74 -27.51 26.58
CA GLY B 87 3.72 -26.77 25.79
C GLY B 87 4.58 -27.60 24.86
N LYS B 88 4.30 -28.89 24.73
CA LYS B 88 5.09 -29.77 23.86
C LYS B 88 4.73 -29.59 22.39
N THR B 89 3.45 -29.39 22.11
CA THR B 89 2.92 -29.45 20.74
C THR B 89 2.24 -28.13 20.35
N LEU B 90 2.53 -27.63 19.16
CA LEU B 90 1.82 -26.49 18.57
C LEU B 90 1.00 -26.96 17.37
N ILE B 91 -0.24 -26.48 17.29
CA ILE B 91 -1.08 -26.69 16.11
C ILE B 91 -1.23 -25.31 15.46
N SER B 92 -1.08 -25.25 14.14
CA SER B 92 -1.18 -23.99 13.40
C SER B 92 -2.15 -24.11 12.23
N ALA B 93 -2.73 -22.98 11.86
CA ALA B 93 -3.73 -22.88 10.80
C ALA B 93 -3.31 -21.76 9.85
N SER B 94 -3.38 -22.02 8.55
CA SER B 94 -2.85 -21.09 7.55
C SER B 94 -3.71 -20.90 6.31
N SER B 95 -3.49 -19.76 5.65
CA SER B 95 -4.09 -19.45 4.36
C SER B 95 -3.50 -20.27 3.22
N ASP B 96 -2.41 -21.01 3.48
CA ASP B 96 -1.97 -22.07 2.55
C ASP B 96 -2.87 -23.33 2.53
N THR B 97 -3.95 -23.30 3.32
CA THR B 97 -5.00 -24.33 3.40
C THR B 97 -4.65 -25.50 4.31
N THR B 98 -3.46 -25.48 4.93
CA THR B 98 -3.06 -26.58 5.78
C THR B 98 -3.17 -26.26 7.27
N VAL B 99 -3.20 -27.35 8.02
CA VAL B 99 -3.04 -27.32 9.46
C VAL B 99 -1.78 -28.14 9.70
N LYS B 100 -0.85 -27.60 10.45
CA LYS B 100 0.42 -28.27 10.73
C LYS B 100 0.52 -28.55 12.20
N VAL B 101 1.23 -29.63 12.52
CA VAL B 101 1.50 -30.06 13.88
C VAL B 101 2.99 -29.92 14.08
N TRP B 102 3.39 -29.22 15.13
CA TRP B 102 4.79 -28.93 15.39
C TRP B 102 5.17 -29.48 16.75
N ASN B 103 6.46 -29.80 16.88
CA ASN B 103 7.09 -29.96 18.18
C ASN B 103 7.41 -28.53 18.64
N ALA B 104 6.72 -28.09 19.68
CA ALA B 104 6.87 -26.72 20.18
C ALA B 104 8.16 -26.45 20.98
N HIS B 105 8.74 -27.48 21.59
CA HIS B 105 10.01 -27.33 22.34
C HIS B 105 11.21 -27.22 21.39
N LYS B 106 11.24 -28.08 20.38
CA LYS B 106 12.32 -28.13 19.39
C LYS B 106 12.09 -27.18 18.20
N GLY B 107 10.82 -26.89 17.90
CA GLY B 107 10.46 -25.87 16.91
C GLY B 107 10.60 -26.32 15.47
N PHE B 108 10.08 -27.51 15.16
CA PHE B 108 10.05 -28.04 13.80
C PHE B 108 8.71 -28.71 13.55
N CYS B 109 8.32 -28.77 12.28
CA CYS B 109 7.02 -29.31 11.87
C CYS B 109 7.08 -30.83 11.74
N MET B 110 6.13 -31.52 12.38
CA MET B 110 6.07 -32.99 12.41
C MET B 110 5.19 -33.55 11.29
N SER B 111 4.02 -32.96 11.11
CA SER B 111 3.09 -33.38 10.05
C SER B 111 2.28 -32.20 9.51
N THR B 112 1.66 -32.41 8.37
CA THR B 112 0.81 -31.44 7.70
C THR B 112 -0.53 -32.09 7.40
N LEU B 113 -1.62 -31.51 7.90
CA LEU B 113 -2.97 -32.01 7.65
C LEU B 113 -3.61 -31.18 6.53
N ARG B 114 -4.09 -31.86 5.48
CA ARG B 114 -4.54 -31.19 4.26
C ARG B 114 -6.02 -31.32 3.97
N THR B 115 -6.86 -31.57 4.97
CA THR B 115 -8.27 -31.83 4.73
C THR B 115 -9.09 -30.59 4.36
N HIS B 116 -8.58 -29.39 4.68
CA HIS B 116 -9.26 -28.17 4.25
C HIS B 116 -9.00 -27.87 2.76
N LYS B 117 -10.01 -27.29 2.10
CA LYS B 117 -9.94 -26.90 0.69
C LYS B 117 -9.56 -25.43 0.48
N ASP B 118 -9.63 -24.64 1.55
CA ASP B 118 -9.47 -23.19 1.43
C ASP B 118 -8.73 -22.71 2.67
N TYR B 119 -8.55 -21.38 2.78
CA TYR B 119 -7.81 -20.78 3.89
C TYR B 119 -8.36 -21.29 5.23
N VAL B 120 -7.45 -21.74 6.10
CA VAL B 120 -7.81 -22.12 7.45
C VAL B 120 -7.66 -20.89 8.33
N LYS B 121 -8.78 -20.51 8.96
CA LYS B 121 -8.92 -19.23 9.62
C LYS B 121 -8.84 -19.28 11.14
N ALA B 122 -9.30 -20.37 11.74
CA ALA B 122 -9.43 -20.43 13.18
C ALA B 122 -9.14 -21.81 13.75
N LEU B 123 -8.64 -21.82 14.98
CA LEU B 123 -8.45 -23.03 15.76
C LEU B 123 -9.16 -22.86 17.08
N ALA B 124 -9.68 -23.98 17.61
CA ALA B 124 -10.25 -24.04 18.95
C ALA B 124 -9.55 -25.14 19.72
N TYR B 125 -9.54 -25.01 21.04
CA TYR B 125 -8.81 -25.88 21.94
C TYR B 125 -9.63 -26.23 23.20
N ALA B 126 -9.63 -27.52 23.56
CA ALA B 126 -10.18 -27.99 24.83
C ALA B 126 -9.04 -28.65 25.59
N LYS B 127 -8.43 -27.91 26.51
CA LYS B 127 -7.26 -28.35 27.26
C LYS B 127 -7.41 -29.72 27.93
N ASP B 128 -8.53 -29.93 28.63
CA ASP B 128 -8.71 -31.16 29.43
C ASP B 128 -8.80 -32.47 28.64
N LYS B 129 -9.11 -32.40 27.34
CA LYS B 129 -9.11 -33.58 26.47
C LYS B 129 -8.09 -33.50 25.32
N GLU B 130 -7.20 -32.51 25.39
CA GLU B 130 -6.25 -32.19 24.30
C GLU B 130 -6.88 -32.30 22.92
N LEU B 131 -8.03 -31.64 22.77
CA LEU B 131 -8.79 -31.67 21.53
C LEU B 131 -8.68 -30.31 20.85
N VAL B 132 -8.38 -30.35 19.55
CA VAL B 132 -8.21 -29.16 18.75
C VAL B 132 -9.13 -29.26 17.55
N ALA B 133 -9.73 -28.14 17.18
CA ALA B 133 -10.58 -28.08 16.00
C ALA B 133 -10.08 -26.97 15.10
N SER B 134 -10.29 -27.14 13.79
CA SER B 134 -9.86 -26.17 12.78
C SER B 134 -11.05 -25.81 11.89
N ALA B 135 -11.15 -24.55 11.51
CA ALA B 135 -12.19 -24.08 10.57
C ALA B 135 -11.67 -22.96 9.66
N GLY B 136 -12.34 -22.79 8.52
CA GLY B 136 -11.95 -21.77 7.55
C GLY B 136 -12.98 -21.45 6.49
N LEU B 137 -12.49 -20.97 5.35
CA LEU B 137 -13.35 -20.43 4.30
C LEU B 137 -14.14 -21.51 3.58
N ASP B 138 -13.64 -22.74 3.61
CA ASP B 138 -14.35 -23.89 3.02
C ASP B 138 -15.59 -24.37 3.79
N ARG B 139 -15.91 -23.72 4.91
CA ARG B 139 -17.16 -23.95 5.66
C ARG B 139 -17.11 -25.23 6.51
N GLN B 140 -15.99 -25.94 6.48
CA GLN B 140 -15.81 -27.20 7.20
C GLN B 140 -15.19 -26.95 8.57
N ILE B 141 -15.52 -27.80 9.52
CA ILE B 141 -14.89 -27.80 10.83
C ILE B 141 -14.42 -29.22 11.07
N PHE B 142 -13.13 -29.40 11.35
CA PHE B 142 -12.56 -30.71 11.60
C PHE B 142 -12.06 -30.76 13.03
N LEU B 143 -12.25 -31.90 13.67
CA LEU B 143 -11.90 -32.12 15.07
C LEU B 143 -10.73 -33.08 15.13
N TRP B 144 -9.71 -32.74 15.92
CA TRP B 144 -8.45 -33.49 15.96
C TRP B 144 -8.06 -33.79 17.40
N ASP B 145 -7.90 -35.07 17.73
CA ASP B 145 -7.26 -35.47 18.99
C ASP B 145 -5.75 -35.34 18.84
N VAL B 146 -5.15 -34.43 19.62
CA VAL B 146 -3.73 -34.09 19.46
C VAL B 146 -2.81 -35.27 19.82
N ASN B 147 -3.23 -36.09 20.79
CA ASN B 147 -2.46 -37.27 21.18
C ASN B 147 -2.36 -38.30 20.04
N THR B 148 -3.45 -38.48 19.29
CA THR B 148 -3.44 -39.27 18.06
C THR B 148 -2.50 -38.69 16.97
N LEU B 149 -2.47 -37.35 16.86
CA LEU B 149 -1.58 -36.67 15.90
C LEU B 149 -0.09 -36.71 16.25
N THR B 150 0.25 -36.50 17.52
CA THR B 150 1.66 -36.58 17.96
C THR B 150 2.18 -38.03 17.99
N ALA B 151 1.27 -39.01 18.01
CA ALA B 151 1.62 -40.42 17.84
C ALA B 151 1.78 -40.87 16.36
N LEU B 152 1.68 -39.95 15.40
CA LEU B 152 1.95 -40.24 13.98
C LEU B 152 3.45 -40.49 13.74
N THR B 153 3.75 -41.35 12.78
CA THR B 153 5.14 -41.66 12.39
C THR B 153 5.18 -42.26 10.97
N ALA B 154 6.32 -42.83 10.57
CA ALA B 154 6.47 -43.43 9.23
C ALA B 154 5.53 -44.61 8.99
N SER B 155 5.49 -45.53 9.96
CA SER B 155 4.60 -46.71 9.91
C SER B 155 3.13 -46.37 10.12
N ASN B 156 2.86 -45.41 11.02
CA ASN B 156 1.50 -45.08 11.48
C ASN B 156 0.98 -43.79 10.83
N ASN B 157 1.22 -43.64 9.52
CA ASN B 157 0.91 -42.40 8.81
C ASN B 157 -0.53 -42.41 8.26
N THR B 158 -1.50 -42.49 9.19
CA THR B 158 -2.94 -42.47 8.88
C THR B 158 -3.71 -41.87 10.06
N VAL B 159 -4.79 -41.15 9.77
CA VAL B 159 -5.60 -40.50 10.81
C VAL B 159 -7.07 -40.37 10.38
N THR B 160 -7.98 -40.39 11.36
CA THR B 160 -9.43 -40.39 11.11
C THR B 160 -10.03 -38.98 11.02
N THR B 161 -10.99 -38.82 10.11
CA THR B 161 -11.73 -37.57 9.89
C THR B 161 -12.95 -37.53 10.81
N SER B 162 -13.04 -36.48 11.63
CA SER B 162 -14.28 -36.12 12.32
C SER B 162 -14.61 -34.67 11.99
N SER B 163 -15.70 -34.45 11.25
CA SER B 163 -16.09 -33.09 10.82
C SER B 163 -17.50 -32.72 11.27
N LEU B 164 -17.71 -31.41 11.42
CA LEU B 164 -18.99 -30.83 11.79
C LEU B 164 -19.43 -29.92 10.67
N SER B 165 -20.57 -30.24 10.03
CA SER B 165 -21.07 -29.43 8.92
C SER B 165 -22.36 -28.70 9.31
N GLY B 166 -22.72 -27.70 8.52
CA GLY B 166 -23.85 -26.84 8.82
C GLY B 166 -23.64 -25.38 8.46
N ASN B 167 -22.40 -24.88 8.58
CA ASN B 167 -22.08 -23.50 8.20
C ASN B 167 -22.38 -23.25 6.73
N LYS B 168 -23.21 -22.26 6.46
CA LYS B 168 -23.58 -21.89 5.10
C LYS B 168 -22.56 -20.93 4.47
N ASP B 169 -21.70 -20.35 5.31
CA ASP B 169 -20.70 -19.38 4.86
C ASP B 169 -19.34 -19.57 5.55
N SER B 170 -18.36 -18.81 5.08
CA SER B 170 -16.97 -18.85 5.57
C SER B 170 -16.85 -18.60 7.07
N ILE B 171 -15.99 -19.38 7.71
CA ILE B 171 -15.85 -19.36 9.16
C ILE B 171 -14.67 -18.50 9.55
N TYR B 172 -14.89 -17.59 10.50
CA TYR B 172 -13.88 -16.63 10.99
C TYR B 172 -13.50 -16.80 12.46
N SER B 173 -14.28 -17.55 13.23
CA SER B 173 -13.96 -17.81 14.64
C SER B 173 -14.45 -19.17 15.08
N LEU B 174 -13.74 -19.73 16.06
CA LEU B 174 -14.00 -21.05 16.58
C LEU B 174 -13.60 -21.10 18.04
N ALA B 175 -14.45 -21.66 18.89
CA ALA B 175 -14.13 -21.84 20.31
C ALA B 175 -14.69 -23.16 20.85
N MET B 176 -13.93 -23.75 21.76
CA MET B 176 -14.38 -24.88 22.58
C MET B 176 -14.10 -24.53 24.02
N ASN B 177 -14.93 -25.09 24.91
CA ASN B 177 -14.69 -24.95 26.34
C ASN B 177 -13.55 -25.86 26.78
N GLN B 178 -13.04 -25.59 27.97
CA GLN B 178 -11.91 -26.32 28.53
C GLN B 178 -12.16 -27.83 28.63
N LEU B 179 -13.41 -28.21 28.92
CA LEU B 179 -13.81 -29.60 29.06
C LEU B 179 -14.08 -30.32 27.72
N GLY B 180 -14.17 -29.56 26.62
CA GLY B 180 -14.43 -30.14 25.30
C GLY B 180 -15.81 -30.76 25.12
N THR B 181 -16.81 -30.14 25.74
CA THR B 181 -18.20 -30.59 25.66
C THR B 181 -19.04 -29.77 24.69
N ILE B 182 -18.47 -28.67 24.17
CA ILE B 182 -19.20 -27.80 23.27
C ILE B 182 -18.23 -27.04 22.36
N ILE B 183 -18.65 -26.85 21.10
CA ILE B 183 -17.87 -26.09 20.12
C ILE B 183 -18.78 -25.09 19.39
N VAL B 184 -18.30 -23.85 19.30
CA VAL B 184 -19.02 -22.75 18.65
C VAL B 184 -18.22 -22.22 17.49
N SER B 185 -18.89 -21.99 16.37
CA SER B 185 -18.32 -21.33 15.20
C SER B 185 -19.02 -19.99 14.97
N GLY B 186 -18.27 -19.01 14.48
CA GLY B 186 -18.79 -17.71 14.03
C GLY B 186 -18.38 -17.47 12.59
N SER B 187 -19.31 -16.95 11.79
CA SER B 187 -19.12 -16.84 10.34
C SER B 187 -19.68 -15.56 9.77
N THR B 188 -19.51 -15.38 8.47
CA THR B 188 -20.14 -14.28 7.72
C THR B 188 -21.64 -14.48 7.53
N GLU B 189 -22.16 -15.66 7.88
CA GLU B 189 -23.60 -15.88 8.04
C GLU B 189 -24.20 -15.06 9.19
N LYS B 190 -23.35 -14.48 10.05
CA LYS B 190 -23.74 -13.59 11.15
C LYS B 190 -24.33 -14.33 12.37
N VAL B 191 -24.16 -15.65 12.41
CA VAL B 191 -24.76 -16.50 13.43
C VAL B 191 -23.68 -17.30 14.14
N LEU B 192 -23.91 -17.62 15.40
CA LEU B 192 -23.11 -18.63 16.10
C LEU B 192 -23.76 -19.97 15.85
N ARG B 193 -23.03 -20.91 15.27
CA ARG B 193 -23.49 -22.30 15.19
C ARG B 193 -22.78 -23.12 16.26
N VAL B 194 -23.51 -24.06 16.87
CA VAL B 194 -23.05 -24.77 18.07
C VAL B 194 -23.27 -26.28 17.94
N TRP B 195 -22.24 -27.04 18.31
CA TRP B 195 -22.25 -28.50 18.30
C TRP B 195 -21.71 -29.06 19.62
N ASP B 196 -22.01 -30.33 19.86
CA ASP B 196 -21.31 -31.14 20.86
C ASP B 196 -20.22 -31.89 20.09
N PRO B 197 -18.93 -31.60 20.36
CA PRO B 197 -17.86 -32.28 19.62
C PRO B 197 -17.70 -33.79 19.88
N ARG B 198 -18.31 -34.31 20.94
CA ARG B 198 -18.28 -35.75 21.25
C ARG B 198 -19.26 -36.51 20.34
N THR B 199 -20.51 -36.08 20.32
CA THR B 199 -21.55 -36.72 19.51
C THR B 199 -21.59 -36.19 18.06
N CYS B 200 -20.91 -35.07 17.80
CA CYS B 200 -20.99 -34.32 16.53
C CYS B 200 -22.40 -33.80 16.21
N ALA B 201 -23.23 -33.63 17.25
CA ALA B 201 -24.63 -33.25 17.09
C ALA B 201 -24.79 -31.74 17.15
N LYS B 202 -25.73 -31.22 16.35
CA LYS B 202 -26.09 -29.81 16.39
C LYS B 202 -26.88 -29.53 17.65
N LEU B 203 -26.55 -28.43 18.33
CA LEU B 203 -27.23 -28.00 19.56
C LEU B 203 -28.13 -26.80 19.33
N MET B 204 -27.65 -25.80 18.60
CA MET B 204 -28.42 -24.58 18.34
C MET B 204 -27.76 -23.69 17.27
N LYS B 205 -28.52 -22.67 16.85
CA LYS B 205 -28.04 -21.60 15.97
C LYS B 205 -28.48 -20.28 16.58
N LEU B 206 -27.52 -19.42 16.93
CA LEU B 206 -27.79 -18.18 17.66
C LEU B 206 -27.72 -16.94 16.75
N LYS B 207 -28.89 -16.36 16.47
CA LYS B 207 -29.01 -15.10 15.70
C LYS B 207 -28.94 -13.89 16.62
N GLY B 208 -28.51 -12.76 16.06
CA GLY B 208 -28.38 -11.51 16.83
C GLY B 208 -27.38 -10.54 16.22
N HIS B 209 -26.20 -11.04 15.84
CA HIS B 209 -25.19 -10.19 15.19
C HIS B 209 -25.64 -9.79 13.79
N THR B 210 -25.28 -8.56 13.40
CA THR B 210 -25.63 -7.99 12.09
C THR B 210 -24.45 -7.97 11.11
N ASP B 211 -23.32 -8.55 11.52
CA ASP B 211 -22.13 -8.66 10.67
C ASP B 211 -21.32 -9.90 11.12
N ASN B 212 -20.20 -10.15 10.44
CA ASN B 212 -19.33 -11.30 10.67
C ASN B 212 -18.92 -11.41 12.14
N VAL B 213 -18.72 -12.64 12.60
CA VAL B 213 -18.37 -12.93 13.98
C VAL B 213 -16.92 -13.36 14.00
N LYS B 214 -16.10 -12.58 14.71
CA LYS B 214 -14.65 -12.65 14.62
C LYS B 214 -13.95 -13.18 15.86
N ALA B 215 -14.62 -13.20 17.01
CA ALA B 215 -14.02 -13.69 18.24
C ALA B 215 -15.06 -14.45 19.05
N LEU B 216 -14.63 -15.56 19.66
CA LEU B 216 -15.50 -16.37 20.50
C LEU B 216 -14.76 -16.86 21.74
N LEU B 217 -15.45 -16.81 22.88
CA LEU B 217 -14.98 -17.40 24.14
C LEU B 217 -16.11 -18.20 24.79
N LEU B 218 -15.74 -19.28 25.49
CA LEU B 218 -16.68 -20.10 26.24
C LEU B 218 -16.17 -20.18 27.66
N ASN B 219 -17.09 -20.16 28.63
CA ASN B 219 -16.69 -20.45 30.02
C ASN B 219 -16.33 -21.92 30.16
N ARG B 220 -15.69 -22.26 31.28
CA ARG B 220 -15.19 -23.62 31.52
C ARG B 220 -16.25 -24.70 31.26
N ASP B 221 -17.44 -24.50 31.82
CA ASP B 221 -18.52 -25.50 31.75
C ASP B 221 -19.37 -25.42 30.49
N GLY B 222 -19.12 -24.42 29.65
CA GLY B 222 -19.77 -24.36 28.34
C GLY B 222 -21.25 -24.09 28.40
N THR B 223 -21.63 -23.17 29.25
CA THR B 223 -23.02 -22.68 29.37
C THR B 223 -23.20 -21.22 28.92
N GLN B 224 -22.08 -20.49 28.83
CA GLN B 224 -22.10 -19.10 28.36
C GLN B 224 -21.02 -18.87 27.32
N CYS B 225 -21.33 -18.03 26.34
CA CYS B 225 -20.43 -17.71 25.25
C CYS B 225 -20.35 -16.19 25.08
N LEU B 226 -19.13 -15.69 24.85
CA LEU B 226 -18.91 -14.28 24.51
C LEU B 226 -18.50 -14.24 23.06
N SER B 227 -19.18 -13.42 22.26
CA SER B 227 -18.83 -13.26 20.85
C SER B 227 -18.50 -11.79 20.54
N GLY B 228 -17.51 -11.59 19.68
CA GLY B 228 -17.12 -10.25 19.20
C GLY B 228 -17.29 -10.20 17.69
N SER B 229 -17.90 -9.13 17.20
CA SER B 229 -18.34 -9.04 15.79
C SER B 229 -17.85 -7.78 15.09
N SER B 230 -17.86 -7.84 13.76
CA SER B 230 -17.58 -6.69 12.91
C SER B 230 -18.66 -5.60 13.04
N ASP B 231 -19.83 -5.95 13.55
CA ASP B 231 -20.89 -4.97 13.85
C ASP B 231 -20.59 -4.01 15.02
N GLY B 232 -19.45 -4.20 15.69
CA GLY B 232 -19.04 -3.34 16.78
C GLY B 232 -19.49 -3.79 18.15
N THR B 233 -20.28 -4.87 18.23
CA THR B 233 -20.79 -5.35 19.52
C THR B 233 -20.04 -6.57 20.04
N ILE B 234 -20.06 -6.70 21.36
CA ILE B 234 -19.76 -7.95 22.05
C ILE B 234 -21.11 -8.44 22.60
N ARG B 235 -21.39 -9.72 22.43
CA ARG B 235 -22.63 -10.31 22.93
C ARG B 235 -22.33 -11.45 23.91
N LEU B 236 -23.09 -11.48 25.01
CA LEU B 236 -23.07 -12.58 25.98
C LEU B 236 -24.29 -13.46 25.73
N TRP B 237 -24.05 -14.74 25.47
CA TRP B 237 -25.09 -15.71 25.16
C TRP B 237 -25.24 -16.69 26.31
N SER B 238 -26.49 -17.02 26.63
CA SER B 238 -26.81 -18.15 27.51
C SER B 238 -27.11 -19.31 26.60
N LEU B 239 -26.27 -20.34 26.67
CA LEU B 239 -26.46 -21.51 25.82
C LEU B 239 -27.65 -22.35 26.28
N GLY B 240 -27.91 -22.37 27.59
CA GLY B 240 -29.07 -23.09 28.14
C GLY B 240 -30.43 -22.56 27.70
N GLN B 241 -30.51 -21.26 27.47
CA GLN B 241 -31.73 -20.59 26.99
C GLN B 241 -31.69 -20.28 25.48
N GLN B 242 -30.58 -20.60 24.79
CA GLN B 242 -30.40 -20.32 23.35
C GLN B 242 -30.73 -18.85 23.03
N ARG B 243 -30.12 -17.96 23.81
CA ARG B 243 -30.55 -16.57 23.87
C ARG B 243 -29.37 -15.67 24.22
N CYS B 244 -29.33 -14.50 23.56
CA CYS B 244 -28.42 -13.43 23.91
C CYS B 244 -28.97 -12.72 25.13
N ILE B 245 -28.19 -12.62 26.19
CA ILE B 245 -28.65 -11.96 27.43
C ILE B 245 -28.07 -10.56 27.65
N ALA B 246 -27.08 -10.16 26.85
CA ALA B 246 -26.50 -8.82 26.95
C ALA B 246 -25.75 -8.48 25.67
N THR B 247 -25.74 -7.19 25.35
CA THR B 247 -25.03 -6.66 24.21
C THR B 247 -24.22 -5.46 24.70
N TYR B 248 -22.91 -5.52 24.52
CA TYR B 248 -22.01 -4.47 24.97
C TYR B 248 -21.54 -3.65 23.76
N ARG B 249 -21.76 -2.35 23.82
CA ARG B 249 -21.37 -1.43 22.76
C ARG B 249 -20.28 -0.54 23.31
N VAL B 250 -19.06 -1.06 23.29
CA VAL B 250 -17.89 -0.34 23.82
C VAL B 250 -16.81 -0.02 22.77
N HIS B 251 -17.08 -0.29 21.49
CA HIS B 251 -16.15 -0.02 20.38
C HIS B 251 -16.86 0.68 19.23
N ASP B 252 -16.13 1.53 18.51
CA ASP B 252 -16.68 2.31 17.39
C ASP B 252 -16.63 1.56 16.07
N GLU B 253 -15.70 0.62 15.95
CA GLU B 253 -15.61 -0.22 14.76
C GLU B 253 -15.59 -1.69 15.20
N GLY B 254 -15.36 -2.62 14.26
CA GLY B 254 -15.40 -4.06 14.54
C GLY B 254 -14.54 -4.55 15.70
N VAL B 255 -15.09 -5.48 16.48
CA VAL B 255 -14.38 -6.16 17.55
C VAL B 255 -13.84 -7.46 16.99
N TRP B 256 -12.52 -7.65 17.07
CA TRP B 256 -11.84 -8.81 16.48
C TRP B 256 -11.14 -9.76 17.47
N ALA B 257 -10.94 -9.32 18.71
CA ALA B 257 -10.21 -10.08 19.71
C ALA B 257 -10.89 -9.98 21.06
N LEU B 258 -11.04 -11.12 21.72
CA LEU B 258 -11.56 -11.17 23.09
C LEU B 258 -10.68 -12.04 23.98
N GLN B 259 -10.52 -11.60 25.23
CA GLN B 259 -10.06 -12.45 26.31
C GLN B 259 -10.99 -12.29 27.52
N VAL B 260 -10.89 -13.22 28.47
CA VAL B 260 -11.76 -13.24 29.65
C VAL B 260 -11.03 -13.84 30.85
N ASN B 261 -11.31 -13.33 32.05
CA ASN B 261 -10.70 -13.87 33.29
C ASN B 261 -11.26 -15.25 33.62
N ASP B 262 -10.63 -15.92 34.59
CA ASP B 262 -11.01 -17.28 34.97
C ASP B 262 -12.47 -17.40 35.47
N ALA B 263 -12.92 -16.43 36.26
CA ALA B 263 -14.30 -16.43 36.79
C ALA B 263 -15.38 -16.13 35.75
N PHE B 264 -14.99 -15.63 34.57
CA PHE B 264 -15.88 -15.28 33.47
C PHE B 264 -16.79 -14.10 33.84
N THR B 265 -16.19 -13.10 34.49
CA THR B 265 -16.89 -11.89 34.90
C THR B 265 -16.46 -10.63 34.14
N HIS B 266 -15.19 -10.55 33.73
CA HIS B 266 -14.66 -9.37 33.03
C HIS B 266 -14.11 -9.75 31.66
N VAL B 267 -14.50 -8.98 30.64
CA VAL B 267 -14.11 -9.25 29.25
C VAL B 267 -13.13 -8.17 28.76
N TYR B 268 -12.01 -8.64 28.18
CA TYR B 268 -11.00 -7.78 27.57
C TYR B 268 -11.30 -7.81 26.08
N SER B 269 -11.47 -6.64 25.46
CA SER B 269 -11.85 -6.57 24.05
C SER B 269 -10.97 -5.61 23.22
N GLY B 270 -10.82 -5.90 21.94
CA GLY B 270 -10.03 -5.09 21.02
C GLY B 270 -10.37 -5.36 19.58
N GLY B 271 -10.02 -4.41 18.71
CA GLY B 271 -10.37 -4.48 17.30
C GLY B 271 -9.88 -3.29 16.51
N ARG B 272 -10.67 -2.89 15.50
CA ARG B 272 -10.27 -1.84 14.54
CA ARG B 272 -10.25 -1.86 14.55
C ARG B 272 -9.95 -0.50 15.19
N ASP B 273 -10.72 -0.11 16.20
CA ASP B 273 -10.53 1.22 16.82
C ASP B 273 -9.33 1.35 17.76
N ARG B 274 -8.54 0.29 17.91
CA ARG B 274 -7.24 0.31 18.60
C ARG B 274 -7.30 0.38 20.13
N LYS B 275 -8.46 0.73 20.70
CA LYS B 275 -8.60 0.84 22.15
C LYS B 275 -8.85 -0.54 22.75
N ILE B 276 -8.25 -0.82 23.91
CA ILE B 276 -8.46 -2.10 24.60
C ILE B 276 -9.14 -1.85 25.95
N TYR B 277 -10.37 -2.33 26.08
CA TYR B 277 -11.16 -2.16 27.30
C TYR B 277 -11.24 -3.45 28.09
N CYS B 278 -11.22 -3.34 29.42
CA CYS B 278 -11.66 -4.40 30.33
C CYS B 278 -13.03 -4.00 30.85
N THR B 279 -14.06 -4.77 30.48
CA THR B 279 -15.46 -4.47 30.78
C THR B 279 -16.07 -5.50 31.73
N ASP B 280 -16.67 -5.02 32.83
CA ASP B 280 -17.41 -5.87 33.78
C ASP B 280 -18.72 -6.34 33.13
N LEU B 281 -18.90 -7.67 33.04
CA LEU B 281 -20.08 -8.24 32.36
C LEU B 281 -21.41 -7.97 33.07
N ARG B 282 -21.39 -7.86 34.41
CA ARG B 282 -22.61 -7.60 35.19
C ARG B 282 -22.99 -6.15 34.99
N ASN B 283 -22.01 -5.27 35.23
CA ASN B 283 -22.19 -3.82 35.21
C ASN B 283 -21.28 -3.19 34.13
N PRO B 284 -21.75 -3.14 32.86
CA PRO B 284 -20.94 -2.60 31.74
C PRO B 284 -20.45 -1.15 31.87
N ASP B 285 -21.09 -0.33 32.70
CA ASP B 285 -20.63 1.03 32.95
C ASP B 285 -19.25 1.04 33.63
N ILE B 286 -19.00 0.06 34.50
CA ILE B 286 -17.67 -0.13 35.09
C ILE B 286 -16.76 -0.70 34.01
N ARG B 287 -15.78 0.10 33.59
CA ARG B 287 -15.02 -0.17 32.37
C ARG B 287 -13.70 0.60 32.40
N VAL B 288 -12.60 -0.06 32.04
CA VAL B 288 -11.26 0.54 32.10
C VAL B 288 -10.59 0.44 30.74
N LEU B 289 -10.14 1.58 30.21
CA LEU B 289 -9.30 1.62 29.02
C LEU B 289 -7.88 1.26 29.44
N ILE B 290 -7.44 0.06 29.06
CA ILE B 290 -6.09 -0.41 29.39
C ILE B 290 -5.04 0.40 28.62
N CYS B 291 -5.28 0.58 27.32
CA CYS B 291 -4.35 1.27 26.44
C CYS B 291 -5.04 1.58 25.13
N GLU B 292 -4.47 2.52 24.37
CA GLU B 292 -4.77 2.62 22.94
C GLU B 292 -3.54 2.17 22.18
N GLU B 293 -3.72 1.18 21.31
CA GLU B 293 -2.62 0.65 20.51
C GLU B 293 -2.34 1.55 19.32
N LYS B 294 -1.20 1.32 18.69
CA LYS B 294 -0.77 2.08 17.52
C LYS B 294 -1.35 1.57 16.21
N ALA B 295 -2.04 0.44 16.24
CA ALA B 295 -2.71 -0.11 15.06
C ALA B 295 -3.86 -1.01 15.50
N PRO B 296 -4.79 -1.33 14.57
CA PRO B 296 -5.90 -2.26 14.86
C PRO B 296 -5.45 -3.52 15.60
N VAL B 297 -6.17 -3.89 16.65
CA VAL B 297 -5.83 -5.06 17.48
C VAL B 297 -6.39 -6.32 16.81
N LEU B 298 -5.54 -7.31 16.59
CA LEU B 298 -5.96 -8.57 15.94
C LEU B 298 -6.20 -9.70 16.93
N LYS B 299 -5.32 -9.86 17.91
CA LYS B 299 -5.47 -10.89 18.96
C LYS B 299 -4.86 -10.40 20.25
N MET B 300 -5.35 -10.97 21.35
CA MET B 300 -4.80 -10.73 22.68
C MET B 300 -4.67 -12.04 23.42
N GLU B 301 -3.70 -12.11 24.33
CA GLU B 301 -3.44 -13.29 25.14
C GLU B 301 -3.14 -12.85 26.56
N LEU B 302 -3.99 -13.21 27.51
CA LEU B 302 -3.77 -12.87 28.92
C LEU B 302 -2.62 -13.69 29.50
N ASP B 303 -1.80 -13.05 30.32
CA ASP B 303 -0.95 -13.76 31.25
C ASP B 303 -1.87 -14.28 32.35
N ARG B 304 -1.87 -15.59 32.58
CA ARG B 304 -2.78 -16.22 33.56
C ARG B 304 -2.02 -16.87 34.71
N SER B 305 -0.99 -16.19 35.22
CA SER B 305 -0.21 -16.71 36.36
C SER B 305 -0.66 -16.15 37.73
N ALA B 306 -1.73 -15.33 37.76
CA ALA B 306 -2.26 -14.76 39.02
C ALA B 306 -3.79 -14.57 39.02
N ASP B 307 -4.34 -14.35 40.22
CA ASP B 307 -5.81 -14.30 40.47
C ASP B 307 -6.54 -13.27 39.62
N PRO B 308 -6.13 -11.98 39.72
CA PRO B 308 -6.37 -11.08 38.58
C PRO B 308 -5.18 -11.28 37.62
N PRO B 309 -5.45 -11.36 36.30
CA PRO B 309 -4.32 -11.58 35.38
C PRO B 309 -3.35 -10.39 35.38
N PRO B 310 -2.03 -10.65 35.53
CA PRO B 310 -1.06 -9.54 35.69
C PRO B 310 -0.75 -8.72 34.43
N ALA B 311 -0.95 -9.30 33.25
CA ALA B 311 -0.64 -8.63 31.98
C ALA B 311 -1.43 -9.20 30.80
N ILE B 312 -1.42 -8.46 29.70
CA ILE B 312 -2.04 -8.89 28.43
C ILE B 312 -1.10 -8.63 27.25
N TRP B 313 -0.76 -9.70 26.52
CA TRP B 313 0.02 -9.60 25.29
C TRP B 313 -0.91 -9.30 24.13
N VAL B 314 -0.52 -8.35 23.29
CA VAL B 314 -1.41 -7.84 22.25
C VAL B 314 -0.74 -7.96 20.88
N ALA B 315 -1.49 -8.47 19.91
CA ALA B 315 -1.06 -8.55 18.52
C ALA B 315 -1.87 -7.58 17.70
N THR B 316 -1.19 -6.83 16.82
CA THR B 316 -1.83 -5.86 15.94
C THR B 316 -1.40 -6.14 14.50
N THR B 317 -1.86 -5.30 13.58
CA THR B 317 -1.40 -5.33 12.18
C THR B 317 0.06 -4.87 12.00
N LYS B 318 0.64 -4.23 13.00
CA LYS B 318 2.09 -3.99 13.03
C LYS B 318 2.84 -5.25 13.43
N SER B 319 4.15 -5.24 13.19
CA SER B 319 5.03 -6.38 13.44
C SER B 319 5.55 -6.47 14.85
N THR B 320 5.52 -5.37 15.59
CA THR B 320 5.90 -5.39 17.01
C THR B 320 4.78 -6.05 17.82
N VAL B 321 5.16 -6.70 18.92
CA VAL B 321 4.20 -7.32 19.84
C VAL B 321 4.47 -6.80 21.25
N ASN B 322 3.45 -6.22 21.87
CA ASN B 322 3.56 -5.56 23.17
C ASN B 322 2.87 -6.34 24.30
N LYS B 323 3.50 -6.35 25.47
CA LYS B 323 2.86 -6.76 26.73
C LYS B 323 2.42 -5.50 27.47
N TRP B 324 1.15 -5.45 27.86
CA TRP B 324 0.62 -4.37 28.69
C TRP B 324 0.35 -4.90 30.10
N THR B 325 0.92 -4.22 31.09
CA THR B 325 0.66 -4.51 32.50
C THR B 325 -0.82 -4.22 32.88
N LEU B 326 -1.39 -5.06 33.73
CA LEU B 326 -2.76 -4.91 34.24
C LEU B 326 -2.77 -4.67 35.77
N LYS B 327 -1.63 -4.21 36.32
CA LYS B 327 -1.50 -3.96 37.76
C LYS B 327 -2.24 -2.67 38.12
N GLY B 328 -3.01 -2.70 39.21
CA GLY B 328 -3.73 -1.53 39.69
C GLY B 328 -4.91 -1.12 38.81
N ILE B 329 -5.87 -2.01 38.65
CA ILE B 329 -7.14 -1.72 37.96
C ILE B 329 -7.97 -0.67 38.74
N HIS B 330 -7.80 -0.64 40.06
CA HIS B 330 -8.56 0.28 40.94
C HIS B 330 -7.80 1.60 41.10
N PRO B 348 -5.79 6.48 29.52
CA PRO B 348 -5.35 5.08 29.56
C PRO B 348 -4.71 4.71 30.89
N LEU B 349 -4.87 3.46 31.33
CA LEU B 349 -4.28 2.98 32.58
C LEU B 349 -2.75 2.93 32.53
N CYS B 350 -2.20 2.62 31.35
CA CYS B 350 -0.78 2.84 31.07
C CYS B 350 -0.63 3.38 29.64
N THR B 351 0.34 4.29 29.46
CA THR B 351 0.61 4.90 28.16
C THR B 351 1.68 4.12 27.34
N GLN B 352 2.66 3.52 28.03
CA GLN B 352 3.72 2.72 27.38
C GLN B 352 3.71 1.26 27.80
N PRO B 353 4.15 0.34 26.91
CA PRO B 353 4.11 -1.07 27.26
C PRO B 353 5.23 -1.50 28.20
N ASP B 354 5.00 -2.62 28.88
CA ASP B 354 5.91 -3.15 29.89
C ASP B 354 7.05 -3.92 29.23
N GLN B 355 6.73 -4.70 28.19
CA GLN B 355 7.72 -5.38 27.37
C GLN B 355 7.38 -5.19 25.87
N VAL B 356 8.41 -5.09 25.05
CA VAL B 356 8.24 -4.92 23.60
C VAL B 356 9.10 -5.94 22.86
N ILE B 357 8.45 -6.72 22.00
CA ILE B 357 9.13 -7.63 21.07
C ILE B 357 9.23 -6.86 19.75
N LYS B 358 10.46 -6.64 19.29
CA LYS B 358 10.73 -5.77 18.15
C LYS B 358 10.18 -6.38 16.87
N GLY B 359 9.83 -5.50 15.93
CA GLY B 359 9.26 -5.89 14.65
C GLY B 359 10.14 -5.47 13.48
N GLY B 360 10.04 -6.24 12.38
CA GLY B 360 10.71 -5.91 11.12
C GLY B 360 9.81 -5.04 10.26
N ALA B 361 10.35 -4.52 9.17
CA ALA B 361 9.63 -3.65 8.26
C ALA B 361 8.92 -4.47 7.19
N SER B 362 7.68 -4.11 6.86
CA SER B 362 6.95 -4.75 5.76
C SER B 362 7.18 -3.97 4.49
N ILE B 363 7.43 -4.67 3.40
CA ILE B 363 7.41 -4.06 2.07
C ILE B 363 5.95 -3.83 1.73
N ILE B 364 5.59 -2.58 1.50
CA ILE B 364 4.21 -2.17 1.23
C ILE B 364 4.00 -1.55 -0.14
N GLN B 365 5.07 -1.29 -0.87
CA GLN B 365 4.97 -0.79 -2.22
C GLN B 365 6.05 -1.41 -3.06
N CYS B 366 5.72 -1.65 -4.31
CA CYS B 366 6.54 -2.41 -5.21
C CYS B 366 6.25 -1.93 -6.62
N HIS B 367 7.30 -1.65 -7.39
CA HIS B 367 7.15 -1.21 -8.76
C HIS B 367 8.00 -2.09 -9.64
N ILE B 368 7.40 -2.67 -10.67
CA ILE B 368 8.13 -3.49 -11.63
C ILE B 368 8.49 -2.59 -12.81
N PHE B 369 9.79 -2.43 -13.05
CA PHE B 369 10.25 -1.64 -14.19
C PHE B 369 9.99 -2.35 -15.51
N ASN B 370 10.17 -1.62 -16.62
CA ASN B 370 9.81 -2.16 -17.94
C ASN B 370 10.72 -3.28 -18.44
N ASP B 371 11.91 -3.45 -17.84
CA ASP B 371 12.74 -4.64 -18.12
C ASP B 371 12.12 -5.96 -17.61
N LYS B 372 11.10 -5.87 -16.76
CA LYS B 372 10.44 -7.04 -16.15
C LYS B 372 11.47 -7.93 -15.47
N ARG B 373 12.41 -7.24 -14.83
CA ARG B 373 13.52 -7.85 -14.15
C ARG B 373 13.81 -7.21 -12.80
N HIS B 374 13.90 -5.88 -12.76
CA HIS B 374 14.19 -5.15 -11.53
C HIS B 374 12.92 -4.59 -10.91
N ILE B 375 12.98 -4.41 -9.60
CA ILE B 375 11.87 -3.92 -8.81
C ILE B 375 12.39 -2.87 -7.83
N LEU B 376 11.60 -1.82 -7.63
CA LEU B 376 11.84 -0.88 -6.53
C LEU B 376 10.78 -1.06 -5.46
N THR B 377 11.20 -1.14 -4.21
CA THR B 377 10.28 -1.31 -3.11
C THR B 377 10.41 -0.17 -2.13
N LYS B 378 9.36 0.00 -1.34
CA LYS B 378 9.37 0.90 -0.18
C LYS B 378 8.79 0.12 0.97
N ASP B 379 9.36 0.30 2.15
CA ASP B 379 8.90 -0.44 3.32
C ASP B 379 8.31 0.49 4.37
N THR B 380 7.82 -0.08 5.46
CA THR B 380 7.18 0.67 6.54
C THR B 380 8.10 1.60 7.32
N ASN B 381 9.42 1.38 7.26
CA ASN B 381 10.42 2.34 7.74
C ASN B 381 10.77 3.40 6.68
N ASN B 382 10.05 3.39 5.56
CA ASN B 382 10.29 4.29 4.41
C ASN B 382 11.61 4.09 3.65
N ASN B 383 12.31 2.97 3.92
CA ASN B 383 13.53 2.64 3.17
C ASN B 383 13.16 2.07 1.82
N VAL B 384 13.97 2.44 0.83
CA VAL B 384 13.75 2.10 -0.55
C VAL B 384 14.86 1.15 -0.95
N ALA B 385 14.52 0.11 -1.69
CA ALA B 385 15.50 -0.87 -2.17
C ALA B 385 15.22 -1.28 -3.61
N TYR B 386 16.29 -1.69 -4.28
CA TYR B 386 16.28 -2.08 -5.69
C TYR B 386 16.63 -3.58 -5.72
N TRP B 387 15.80 -4.37 -6.40
CA TRP B 387 15.92 -5.83 -6.39
C TRP B 387 16.07 -6.37 -7.80
N ASP B 388 16.63 -7.57 -7.88
CA ASP B 388 16.77 -8.32 -9.14
C ASP B 388 15.92 -9.60 -9.03
N VAL B 389 14.81 -9.63 -9.76
CA VAL B 389 13.81 -10.70 -9.67
C VAL B 389 14.37 -12.00 -10.25
N LEU B 390 15.11 -11.87 -11.35
CA LEU B 390 15.74 -12.99 -12.03
C LEU B 390 16.73 -13.71 -11.12
N LYS B 391 17.60 -12.94 -10.47
CA LYS B 391 18.59 -13.47 -9.53
C LYS B 391 18.07 -13.64 -8.08
N ALA B 392 16.82 -13.21 -7.83
CA ALA B 392 16.15 -13.40 -6.55
C ALA B 392 16.94 -12.78 -5.39
N CYS B 393 17.41 -11.54 -5.59
CA CYS B 393 18.24 -10.89 -4.59
C CYS B 393 18.13 -9.38 -4.63
N LYS B 394 18.48 -8.76 -3.52
CA LYS B 394 18.58 -7.31 -3.42
C LYS B 394 19.80 -6.84 -4.21
N VAL B 395 19.68 -5.72 -4.91
CA VAL B 395 20.81 -5.10 -5.62
C VAL B 395 21.43 -4.02 -4.74
N GLU B 396 20.61 -3.14 -4.17
CA GLU B 396 21.11 -2.13 -3.24
C GLU B 396 20.00 -1.56 -2.37
N ASP B 397 20.39 -1.19 -1.14
CA ASP B 397 19.57 -0.36 -0.25
C ASP B 397 19.86 1.07 -0.55
N LEU B 398 18.82 1.83 -0.91
CA LEU B 398 18.96 3.27 -1.20
C LEU B 398 18.68 4.17 0.01
N GLY B 399 18.25 3.60 1.13
CA GLY B 399 17.83 4.40 2.29
C GLY B 399 16.51 5.11 2.01
N LYS B 400 16.26 6.21 2.72
CA LYS B 400 14.97 6.90 2.68
C LYS B 400 14.92 7.99 1.62
N VAL B 401 15.18 7.60 0.38
CA VAL B 401 15.06 8.49 -0.78
C VAL B 401 13.60 8.56 -1.22
N ASP B 402 13.30 9.50 -2.13
CA ASP B 402 11.92 9.71 -2.56
C ASP B 402 11.50 8.58 -3.49
N PHE B 403 10.49 7.83 -3.06
CA PHE B 403 10.14 6.58 -3.74
C PHE B 403 9.64 6.79 -5.17
N GLU B 404 8.66 7.68 -5.35
CA GLU B 404 8.09 7.92 -6.67
C GLU B 404 9.12 8.55 -7.61
N ASP B 405 9.95 9.44 -7.06
CA ASP B 405 11.03 10.07 -7.85
C ASP B 405 12.10 9.09 -8.28
N GLU B 406 12.40 8.12 -7.43
CA GLU B 406 13.39 7.09 -7.75
C GLU B 406 12.90 6.17 -8.88
N ILE B 407 11.61 5.85 -8.89
CA ILE B 407 11.01 5.08 -10.00
C ILE B 407 11.20 5.84 -11.30
N LYS B 408 10.89 7.14 -11.27
CA LYS B 408 10.98 8.00 -12.44
C LYS B 408 12.42 8.05 -12.94
N LYS B 409 13.33 8.39 -12.03
CA LYS B 409 14.76 8.43 -12.32
C LYS B 409 15.28 7.15 -13.00
N ARG B 410 14.77 5.98 -12.57
CA ARG B 410 15.24 4.69 -13.08
C ARG B 410 14.45 4.13 -14.27
N PHE B 411 13.51 4.93 -14.81
CA PHE B 411 12.69 4.51 -15.94
C PHE B 411 13.53 3.90 -17.07
N LYS B 412 13.01 2.82 -17.64
CA LYS B 412 13.69 2.12 -18.73
C LYS B 412 12.75 2.09 -19.92
N MET B 413 13.19 2.65 -21.05
CA MET B 413 12.44 2.58 -22.30
C MET B 413 12.72 1.26 -23.00
N VAL B 414 12.06 0.20 -22.54
CA VAL B 414 12.14 -1.14 -23.15
C VAL B 414 10.79 -1.82 -23.00
N TYR B 415 10.47 -2.74 -23.90
CA TYR B 415 9.34 -3.64 -23.69
C TYR B 415 9.85 -5.05 -23.52
N VAL B 416 9.47 -5.66 -22.41
CA VAL B 416 9.63 -7.08 -22.18
C VAL B 416 8.26 -7.55 -21.72
N PRO B 417 7.77 -8.71 -22.23
CA PRO B 417 6.46 -9.19 -21.75
C PRO B 417 6.44 -9.55 -20.27
N ASN B 418 5.26 -9.54 -19.66
CA ASN B 418 5.08 -10.02 -18.31
C ASN B 418 5.35 -11.51 -18.29
N TRP B 419 6.09 -11.94 -17.29
CA TRP B 419 6.36 -13.37 -17.08
C TRP B 419 6.31 -13.82 -15.61
N PHE B 420 5.88 -12.93 -14.70
CA PHE B 420 5.66 -13.27 -13.30
C PHE B 420 4.66 -12.32 -12.67
N SER B 421 4.15 -12.70 -11.51
CA SER B 421 3.35 -11.80 -10.69
C SER B 421 4.02 -11.63 -9.34
N VAL B 422 3.74 -10.50 -8.69
CA VAL B 422 4.31 -10.16 -7.39
C VAL B 422 3.19 -10.03 -6.37
N ASP B 423 3.49 -10.40 -5.14
CA ASP B 423 2.56 -10.37 -4.05
C ASP B 423 3.31 -9.92 -2.78
N LEU B 424 2.68 -9.06 -1.98
CA LEU B 424 3.27 -8.49 -0.76
C LEU B 424 2.56 -8.91 0.55
N LYS B 425 1.68 -9.91 0.46
CA LYS B 425 0.94 -10.47 1.62
C LYS B 425 1.79 -10.74 2.85
N THR B 426 2.99 -11.27 2.65
CA THR B 426 3.85 -11.66 3.75
C THR B 426 4.72 -10.54 4.28
N GLY B 427 4.66 -9.38 3.62
CA GLY B 427 5.60 -8.29 3.90
C GLY B 427 6.94 -8.44 3.20
N MET B 428 7.12 -9.52 2.44
CA MET B 428 8.33 -9.79 1.67
C MET B 428 7.89 -9.97 0.24
N LEU B 429 8.82 -9.83 -0.70
CA LEU B 429 8.54 -10.09 -2.10
C LEU B 429 8.36 -11.59 -2.36
N THR B 430 7.16 -11.98 -2.78
CA THR B 430 6.87 -13.33 -3.23
C THR B 430 6.54 -13.26 -4.70
N ILE B 431 7.30 -14.02 -5.49
CA ILE B 431 7.18 -14.03 -6.94
C ILE B 431 6.54 -15.34 -7.34
N THR B 432 5.57 -15.27 -8.25
CA THR B 432 4.82 -16.43 -8.70
C THR B 432 4.98 -16.60 -10.21
N LEU B 433 5.24 -17.84 -10.60
CA LEU B 433 5.45 -18.22 -12.00
C LEU B 433 4.34 -19.16 -12.42
N ASP B 434 3.66 -18.80 -13.51
CA ASP B 434 2.56 -19.57 -14.05
C ASP B 434 2.90 -20.02 -15.46
N GLU B 435 2.52 -21.26 -15.78
CA GLU B 435 2.68 -21.87 -17.11
C GLU B 435 2.34 -20.92 -18.28
N SER B 436 1.22 -20.21 -18.16
CA SER B 436 0.70 -19.40 -19.25
C SER B 436 1.64 -18.30 -19.75
N ASP B 437 2.31 -17.61 -18.81
CA ASP B 437 3.25 -16.52 -19.18
C ASP B 437 4.68 -16.63 -18.68
N CYS B 438 5.00 -17.67 -17.89
CA CYS B 438 6.37 -17.88 -17.39
C CYS B 438 7.44 -17.73 -18.49
N PHE B 439 7.15 -18.25 -19.68
CA PHE B 439 8.15 -18.29 -20.77
C PHE B 439 8.09 -17.15 -21.80
N ALA B 440 7.23 -16.15 -21.56
CA ALA B 440 7.03 -15.04 -22.51
C ALA B 440 8.26 -14.14 -22.79
N ALA B 441 9.19 -14.04 -21.83
CA ALA B 441 10.29 -13.08 -21.90
C ALA B 441 11.58 -13.65 -22.47
N TRP B 442 11.95 -13.18 -23.66
CA TRP B 442 13.22 -13.49 -24.32
C TRP B 442 14.09 -12.26 -24.29
N VAL B 443 15.29 -12.38 -23.73
CA VAL B 443 16.22 -11.28 -23.60
C VAL B 443 17.60 -11.74 -24.04
N SER B 444 18.35 -10.87 -24.72
CA SER B 444 19.69 -11.21 -25.19
C SER B 444 20.62 -11.28 -23.98
N ALA B 445 21.55 -12.23 -24.02
CA ALA B 445 22.52 -12.42 -22.95
C ALA B 445 23.27 -11.12 -22.63
N LYS B 446 23.62 -10.38 -23.69
CA LYS B 446 24.34 -9.11 -23.57
C LYS B 446 23.53 -8.07 -22.80
N ASP B 447 22.27 -7.87 -23.20
CA ASP B 447 21.37 -6.94 -22.51
C ASP B 447 21.15 -7.31 -21.03
N ALA B 448 21.04 -8.62 -20.78
CA ALA B 448 20.89 -9.15 -19.42
C ALA B 448 22.14 -9.06 -18.54
N GLY B 449 23.27 -8.58 -19.09
CA GLY B 449 24.50 -8.41 -18.32
C GLY B 449 25.32 -9.68 -18.15
N PHE B 450 25.04 -10.69 -18.97
CA PHE B 450 25.80 -11.93 -18.99
C PHE B 450 26.68 -11.99 -20.24
N SER B 451 27.99 -12.17 -20.07
CA SER B 451 28.88 -12.47 -21.20
C SER B 451 28.79 -13.97 -21.51
N SER B 452 29.51 -14.42 -22.53
CA SER B 452 29.53 -15.84 -22.92
C SER B 452 30.95 -16.31 -23.28
N PRO B 453 31.17 -17.64 -23.40
CA PRO B 453 32.47 -18.24 -23.76
C PRO B 453 33.36 -17.47 -24.76
N ASP B 454 32.83 -17.15 -25.95
CA ASP B 454 33.56 -16.37 -26.97
C ASP B 454 32.84 -15.03 -27.22
N GLY B 455 32.44 -14.37 -26.14
CA GLY B 455 31.66 -13.13 -26.19
C GLY B 455 30.40 -13.19 -27.05
N SER B 456 29.77 -14.36 -27.11
CA SER B 456 28.57 -14.56 -27.94
C SER B 456 27.33 -13.91 -27.31
N ASP B 457 26.27 -13.74 -28.10
CA ASP B 457 25.04 -13.04 -27.66
C ASP B 457 23.76 -13.86 -27.97
N PRO B 458 23.59 -14.99 -27.27
CA PRO B 458 22.36 -15.77 -27.44
C PRO B 458 21.13 -15.13 -26.80
N LYS B 459 19.96 -15.58 -27.23
CA LYS B 459 18.69 -15.16 -26.65
C LYS B 459 18.33 -16.11 -25.51
N LEU B 460 18.06 -15.55 -24.34
CA LEU B 460 17.80 -16.31 -23.12
C LEU B 460 16.37 -16.09 -22.67
N ASN B 461 15.70 -17.17 -22.29
CA ASN B 461 14.36 -17.10 -21.72
C ASN B 461 14.49 -16.87 -20.22
N LEU B 462 13.96 -15.76 -19.73
CA LEU B 462 14.11 -15.37 -18.32
C LEU B 462 13.51 -16.42 -17.39
N GLY B 463 12.26 -16.77 -17.63
CA GLY B 463 11.56 -17.78 -16.82
C GLY B 463 12.23 -19.15 -16.84
N GLY B 464 12.82 -19.49 -17.99
CA GLY B 464 13.54 -20.74 -18.17
C GLY B 464 14.79 -20.78 -17.33
N LEU B 465 15.61 -19.73 -17.43
CA LEU B 465 16.79 -19.55 -16.57
C LEU B 465 16.44 -19.62 -15.09
N LEU B 466 15.37 -18.93 -14.71
CA LEU B 466 15.00 -18.85 -13.29
C LEU B 466 14.63 -20.21 -12.70
N LEU B 467 13.73 -20.92 -13.39
CA LEU B 467 13.30 -22.26 -12.95
C LEU B 467 14.49 -23.21 -12.75
N GLN B 468 15.43 -23.15 -13.68
CA GLN B 468 16.65 -23.96 -13.62
C GLN B 468 17.50 -23.63 -12.40
N ALA B 469 17.62 -22.33 -12.10
CA ALA B 469 18.29 -21.88 -10.88
C ALA B 469 17.55 -22.35 -9.64
N LEU B 470 16.23 -22.22 -9.61
CA LEU B 470 15.45 -22.61 -8.44
C LEU B 470 15.59 -24.11 -8.13
N LEU B 471 15.68 -24.92 -9.17
CA LEU B 471 15.81 -26.37 -9.03
C LEU B 471 17.25 -26.88 -9.30
N GLU B 472 18.23 -25.99 -9.16
CA GLU B 472 19.64 -26.29 -9.45
C GLU B 472 20.19 -27.45 -8.62
N TYR B 473 19.69 -27.62 -7.40
CA TYR B 473 20.18 -28.68 -6.49
C TYR B 473 19.45 -30.00 -6.67
N TRP B 474 18.38 -30.01 -7.47
CA TRP B 474 17.64 -31.23 -7.73
C TRP B 474 18.47 -32.12 -8.68
N PRO B 475 19.00 -33.27 -8.17
CA PRO B 475 19.89 -34.08 -8.99
C PRO B 475 19.29 -34.59 -10.32
N ARG B 476 17.98 -34.75 -10.38
CA ARG B 476 17.30 -35.10 -11.65
C ARG B 476 17.48 -34.07 -12.78
N THR B 477 17.88 -32.83 -12.43
CA THR B 477 18.14 -31.76 -13.41
C THR B 477 19.59 -31.65 -13.83
N HIS B 478 20.46 -32.41 -13.15
CA HIS B 478 21.90 -32.36 -13.40
C HIS B 478 22.28 -33.10 -14.69
N VAL B 479 23.40 -32.69 -15.28
CA VAL B 479 23.92 -33.28 -16.51
C VAL B 479 25.36 -33.70 -16.27
N ASN B 480 25.67 -34.95 -16.66
CA ASN B 480 27.02 -35.52 -16.49
C ASN B 480 28.02 -34.86 -17.45
N PRO B 481 29.32 -34.83 -17.07
CA PRO B 481 30.32 -34.13 -17.89
C PRO B 481 30.72 -34.85 -19.19
N MET B 482 31.12 -34.05 -20.19
CA MET B 482 31.85 -34.51 -21.40
C MET B 482 32.26 -33.31 -22.26
N ASN B 498 34.85 -35.14 -13.37
CA ASN B 498 35.13 -34.14 -12.34
C ASN B 498 33.84 -33.50 -11.78
N ARG B 499 33.29 -32.50 -12.48
CA ARG B 499 32.15 -31.71 -11.99
C ARG B 499 30.89 -31.91 -12.83
N VAL B 500 29.76 -31.59 -12.22
CA VAL B 500 28.44 -31.78 -12.83
C VAL B 500 27.98 -30.44 -13.40
N GLN B 501 27.19 -30.47 -14.46
CA GLN B 501 26.55 -29.25 -14.98
C GLN B 501 25.19 -29.08 -14.27
N LYS B 502 25.10 -28.04 -13.45
CA LYS B 502 23.90 -27.76 -12.63
C LYS B 502 23.34 -26.39 -12.96
N GLY B 503 22.02 -26.25 -12.87
CA GLY B 503 21.39 -24.95 -13.04
C GLY B 503 21.43 -24.46 -14.47
N ASN B 504 21.54 -23.15 -14.65
CA ASN B 504 21.38 -22.53 -15.98
C ASN B 504 22.68 -22.12 -16.65
N GLY B 505 23.80 -22.21 -15.92
CA GLY B 505 25.11 -21.78 -16.44
C GLY B 505 25.40 -20.30 -16.42
N TYR B 506 24.46 -19.47 -15.93
CA TYR B 506 24.63 -18.01 -15.89
C TYR B 506 24.64 -17.43 -14.47
N PHE B 507 23.70 -17.86 -13.62
CA PHE B 507 23.60 -17.35 -12.25
C PHE B 507 22.94 -18.34 -11.33
N GLN B 508 23.21 -18.19 -10.04
CA GLN B 508 22.54 -18.95 -9.00
C GLN B 508 21.68 -18.01 -8.18
N VAL B 509 20.57 -18.52 -7.63
CA VAL B 509 19.78 -17.77 -6.66
C VAL B 509 20.41 -17.95 -5.29
N PRO B 510 20.03 -17.13 -4.30
CA PRO B 510 20.53 -17.42 -2.94
C PRO B 510 20.06 -18.81 -2.48
N PRO B 511 20.97 -19.65 -1.92
CA PRO B 511 20.60 -21.05 -1.64
C PRO B 511 19.49 -21.24 -0.60
N HIS B 512 19.27 -20.23 0.25
CA HIS B 512 18.17 -20.26 1.23
C HIS B 512 16.79 -19.89 0.65
N THR B 513 16.70 -19.56 -0.63
CA THR B 513 15.44 -19.14 -1.23
C THR B 513 14.35 -20.21 -1.11
N PRO B 514 13.26 -19.91 -0.37
CA PRO B 514 12.14 -20.85 -0.38
C PRO B 514 11.54 -21.01 -1.77
N VAL B 515 11.25 -22.24 -2.16
CA VAL B 515 10.65 -22.58 -3.45
C VAL B 515 9.37 -23.31 -3.11
N ILE B 516 8.26 -22.88 -3.71
CA ILE B 516 6.91 -23.27 -3.30
C ILE B 516 6.12 -23.74 -4.52
N PHE B 517 5.39 -24.82 -4.36
CA PHE B 517 4.55 -25.39 -5.42
C PHE B 517 3.12 -25.38 -4.92
N GLY B 518 2.22 -24.80 -5.69
CA GLY B 518 0.86 -24.61 -5.24
C GLY B 518 -0.14 -24.59 -6.37
N GLU B 519 -1.36 -24.99 -6.05
CA GLU B 519 -2.47 -24.92 -7.00
C GLU B 519 -2.89 -23.46 -7.16
N ALA B 520 -3.08 -23.04 -8.40
CA ALA B 520 -3.62 -21.70 -8.69
C ALA B 520 -4.99 -21.59 -8.02
N GLY B 521 -5.09 -20.69 -7.05
CA GLY B 521 -6.31 -20.50 -6.27
C GLY B 521 -6.71 -21.71 -5.44
N GLY B 522 -5.71 -22.45 -4.94
CA GLY B 522 -5.97 -23.67 -4.17
C GLY B 522 -4.93 -23.98 -3.10
N ARG B 523 -4.70 -25.28 -2.90
CA ARG B 523 -3.78 -25.76 -1.89
C ARG B 523 -2.32 -25.51 -2.27
N THR B 524 -1.52 -25.12 -1.29
CA THR B 524 -0.07 -25.29 -1.40
C THR B 524 0.24 -26.79 -1.35
N LEU B 525 1.09 -27.24 -2.26
CA LEU B 525 1.45 -28.64 -2.34
C LEU B 525 2.75 -28.94 -1.59
N PHE B 526 3.77 -28.10 -1.78
CA PHE B 526 5.09 -28.41 -1.28
C PHE B 526 5.96 -27.16 -1.22
N ARG B 527 6.82 -27.12 -0.21
CA ARG B 527 7.76 -26.03 0.02
C ARG B 527 9.11 -26.61 0.46
N LEU B 528 10.19 -26.05 -0.07
CA LEU B 528 11.55 -26.38 0.38
C LEU B 528 12.49 -25.21 0.10
N LEU B 529 13.61 -25.18 0.80
CA LEU B 529 14.68 -24.24 0.45
C LEU B 529 15.42 -24.77 -0.76
N CYS B 530 15.83 -23.84 -1.62
CA CYS B 530 16.52 -24.16 -2.88
C CYS B 530 17.67 -25.16 -2.70
N ARG B 531 18.48 -24.98 -1.66
CA ARG B 531 19.64 -25.85 -1.41
C ARG B 531 19.36 -27.28 -0.92
N ASP B 532 18.12 -27.59 -0.56
CA ASP B 532 17.78 -28.90 0.01
C ASP B 532 17.11 -29.85 -1.00
N SER B 533 17.09 -29.51 -2.28
CA SER B 533 16.48 -30.37 -3.30
C SER B 533 17.18 -31.74 -3.47
N GLY B 534 18.45 -31.82 -3.05
CA GLY B 534 19.19 -33.10 -3.00
C GLY B 534 18.82 -34.05 -1.87
N GLY B 535 18.10 -33.58 -0.86
CA GLY B 535 17.64 -34.45 0.23
C GLY B 535 16.74 -35.57 -0.27
N GLU B 536 16.72 -36.68 0.47
CA GLU B 536 16.01 -37.89 0.03
C GLU B 536 14.52 -37.62 -0.10
N THR B 537 13.92 -37.07 0.96
CA THR B 537 12.49 -36.74 0.97
C THR B 537 12.14 -35.61 -0.01
N GLU B 538 13.00 -34.59 -0.07
CA GLU B 538 12.75 -33.43 -0.93
C GLU B 538 12.75 -33.84 -2.41
N SER B 539 13.75 -34.64 -2.80
CA SER B 539 13.84 -35.14 -4.17
C SER B 539 12.61 -35.97 -4.56
N MET B 540 12.16 -36.84 -3.65
CA MET B 540 10.95 -37.64 -3.84
C MET B 540 9.72 -36.76 -4.06
N LEU B 541 9.52 -35.79 -3.15
CA LEU B 541 8.36 -34.88 -3.24
C LEU B 541 8.38 -33.97 -4.48
N LEU B 542 9.58 -33.64 -4.99
CA LEU B 542 9.69 -32.94 -6.29
C LEU B 542 9.21 -33.80 -7.45
N ASN B 543 9.54 -35.09 -7.45
CA ASN B 543 8.99 -36.03 -8.46
C ASN B 543 7.48 -36.06 -8.43
N GLU B 544 6.91 -36.04 -7.23
CA GLU B 544 5.45 -36.04 -7.07
C GLU B 544 4.78 -34.70 -7.40
N THR B 545 5.48 -33.58 -7.21
CA THR B 545 4.86 -32.23 -7.26
C THR B 545 5.24 -31.33 -8.44
N VAL B 546 6.50 -31.41 -8.90
CA VAL B 546 6.98 -30.52 -9.95
C VAL B 546 6.18 -30.81 -11.23
N PRO B 547 5.38 -29.84 -11.71
CA PRO B 547 4.50 -30.09 -12.84
C PRO B 547 5.27 -30.21 -14.15
N GLN B 548 4.67 -30.86 -15.15
CA GLN B 548 5.34 -31.21 -16.41
C GLN B 548 5.94 -30.01 -17.13
N TRP B 549 5.24 -28.88 -17.09
CA TRP B 549 5.74 -27.64 -17.71
C TRP B 549 7.08 -27.16 -17.13
N VAL B 550 7.30 -27.44 -15.85
CA VAL B 550 8.61 -27.18 -15.22
C VAL B 550 9.62 -28.28 -15.56
N ILE B 551 9.14 -29.54 -15.57
CA ILE B 551 9.99 -30.68 -15.94
C ILE B 551 10.61 -30.47 -17.33
N ASP B 552 9.80 -29.99 -18.28
CA ASP B 552 10.25 -29.73 -19.66
C ASP B 552 11.53 -28.90 -19.74
N ILE B 553 11.65 -27.89 -18.89
CA ILE B 553 12.78 -26.96 -18.94
C ILE B 553 13.94 -27.41 -18.05
N THR B 554 13.62 -27.95 -16.89
CA THR B 554 14.64 -28.21 -15.87
C THR B 554 15.34 -29.56 -16.06
N VAL B 555 14.58 -30.60 -16.42
CA VAL B 555 15.10 -31.96 -16.57
C VAL B 555 15.45 -32.25 -18.03
N ASP B 556 14.45 -32.11 -18.91
CA ASP B 556 14.58 -32.43 -20.33
C ASP B 556 15.38 -31.38 -21.12
N LYS B 557 15.50 -30.18 -20.57
CA LYS B 557 16.29 -29.08 -21.17
C LYS B 557 15.72 -28.55 -22.49
N ASN B 558 14.38 -28.50 -22.61
CA ASN B 558 13.71 -28.02 -23.82
C ASN B 558 13.28 -26.56 -23.64
N MET B 559 14.26 -25.64 -23.66
CA MET B 559 13.99 -24.19 -23.53
C MET B 559 13.25 -23.71 -24.79
N PRO B 560 12.00 -23.17 -24.64
CA PRO B 560 11.08 -23.03 -25.78
C PRO B 560 11.53 -22.02 -26.85
N UNK C 1 15.81 32.03 -23.48
CA UNK C 1 14.85 30.97 -23.90
C UNK C 1 13.44 31.51 -24.12
N UNK C 2 12.98 31.54 -25.37
CA UNK C 2 11.62 31.95 -25.72
C UNK C 2 10.78 30.70 -26.01
N UNK C 3 9.59 30.63 -25.41
CA UNK C 3 8.62 29.56 -25.66
C UNK C 3 7.34 30.18 -26.27
N UNK C 4 6.79 29.56 -27.32
CA UNK C 4 5.56 30.06 -27.97
C UNK C 4 4.34 29.31 -27.51
N UNK C 5 3.69 29.78 -26.43
CA UNK C 5 2.51 29.10 -25.84
C UNK C 5 1.26 29.33 -26.70
#